data_7EPM
#
_entry.id   7EPM
#
_cell.length_a   177.891
_cell.length_b   177.891
_cell.length_c   179.210
_cell.angle_alpha   90.000
_cell.angle_beta   90.000
_cell.angle_gamma   120.000
#
_symmetry.space_group_name_H-M   'P 61 2 2'
#
loop_
_entity.id
_entity.type
_entity.pdbx_description
1 polymer 'L-lactate dehydrogenase C chain'
2 non-polymer '2-(ethylamino)-2-oxidanylidene-ethanoic acid'
3 non-polymer NICOTINAMIDE-ADENINE-DINUCLEOTIDE
4 non-polymer 'SULFATE ION'
5 water water
#
_entity_poly.entity_id   1
_entity_poly.type   'polypeptide(L)'
_entity_poly.pdbx_seq_one_letter_code
;MASTVKEQLIEKLIEDDENSQCKITIVGTGAVGMACAISILLKDLADELALVDVAEDKLKGEMMDLQHGSLFFSTSKITS
GKDYSVSANSRIVIVTAGARQQEGETRLALVQRNVAIMKSIIPAIVHYSPDCKILVVSNPVDILTYIVWKISGLPVTRVI
GSGCNLDSARFRYLIGEKLGVHPTSCHGWIIGEHGDSSVPLWSGVNVAGVALKTLDPKLGTDSDKEHWKNIHKQVIQSAY
EIIKLKGYTSWAIGLSVMDLVGSILKNLRRVHPVSTMVKGLYGIKEELFLSIPCVLGRNGVSDVVKINLNSEEEALFKKS
AETLWNIQKDLQFLEHHHHHH
;
_entity_poly.pdbx_strand_id   A,B
#
loop_
_chem_comp.id
_chem_comp.type
_chem_comp.name
_chem_comp.formula
J9X non-polymer '2-(ethylamino)-2-oxidanylidene-ethanoic acid' 'C4 H7 N O3'
NAD non-polymer NICOTINAMIDE-ADENINE-DINUCLEOTIDE 'C21 H27 N7 O14 P2'
SO4 non-polymer 'SULFATE ION' 'O4 S -2'
#
# COMPACT_ATOMS: atom_id res chain seq x y z
N ALA A 2 17.32 13.48 47.13
CA ALA A 2 18.66 12.93 47.33
C ALA A 2 18.64 11.69 48.25
N SER A 3 17.44 11.22 48.58
CA SER A 3 17.27 9.99 49.35
C SER A 3 16.77 8.84 48.50
N THR A 4 15.74 9.05 47.69
CA THR A 4 15.14 8.00 46.90
C THR A 4 15.86 7.84 45.55
N VAL A 5 15.69 6.65 44.96
CA VAL A 5 16.42 6.33 43.73
C VAL A 5 16.04 7.31 42.62
N LYS A 6 14.74 7.54 42.45
CA LYS A 6 14.31 8.44 41.39
C LYS A 6 14.88 9.84 41.59
N GLU A 7 14.85 10.34 42.84
CA GLU A 7 15.41 11.65 43.11
C GLU A 7 16.91 11.65 42.89
N GLN A 8 17.58 10.55 43.22
CA GLN A 8 19.03 10.50 43.15
C GLN A 8 19.54 10.38 41.71
N LEU A 9 18.75 9.75 40.84
CA LEU A 9 19.17 9.41 39.50
C LEU A 9 18.65 10.35 38.42
N ILE A 10 17.56 11.06 38.70
CA ILE A 10 16.88 11.86 37.68
C ILE A 10 16.59 13.25 38.24
N GLU A 11 17.06 14.27 37.54
CA GLU A 11 16.74 15.66 37.85
C GLU A 11 15.63 16.12 36.91
N LYS A 12 14.42 16.24 37.45
CA LYS A 12 13.29 16.78 36.69
C LYS A 12 13.57 18.23 36.34
N LEU A 13 13.52 18.55 35.04
CA LEU A 13 13.67 19.92 34.59
C LEU A 13 12.35 20.60 34.26
N ILE A 14 11.37 19.84 33.76
CA ILE A 14 10.03 20.34 33.49
C ILE A 14 9.06 19.29 33.97
N GLU A 15 7.82 19.71 34.25
CA GLU A 15 6.77 18.77 34.62
C GLU A 15 6.29 18.10 33.34
N ASP A 16 6.32 16.76 33.32
CA ASP A 16 6.03 16.05 32.08
C ASP A 16 4.61 16.29 31.61
N ASP A 17 4.47 16.52 30.31
CA ASP A 17 3.15 16.58 29.70
C ASP A 17 2.46 15.23 29.74
N GLU A 18 1.14 15.27 29.93
CA GLU A 18 0.28 14.10 29.78
C GLU A 18 -0.92 14.47 28.92
N ASN A 19 -0.69 15.37 27.95
CA ASN A 19 -1.64 15.77 26.92
C ASN A 19 -1.09 15.33 25.56
N SER A 20 -1.34 14.06 25.23
CA SER A 20 -0.80 13.47 24.03
C SER A 20 -1.31 14.20 22.82
N GLN A 21 -0.54 14.20 21.76
CA GLN A 21 -1.09 14.84 20.59
C GLN A 21 -1.38 13.94 19.42
N CYS A 22 -1.29 12.64 19.61
CA CYS A 22 -1.91 11.74 18.66
C CYS A 22 -2.49 10.59 19.48
N LYS A 23 -3.72 10.78 19.95
CA LYS A 23 -4.33 9.90 20.93
C LYS A 23 -5.52 9.18 20.32
N ILE A 24 -5.73 7.94 20.75
CA ILE A 24 -6.80 7.10 20.23
C ILE A 24 -7.52 6.49 21.42
N THR A 25 -8.84 6.58 21.41
CA THR A 25 -9.68 5.89 22.38
C THR A 25 -10.45 4.81 21.65
N ILE A 26 -10.51 3.61 22.23
CA ILE A 26 -11.32 2.52 21.70
C ILE A 26 -12.42 2.23 22.72
N VAL A 27 -13.67 2.26 22.26
CA VAL A 27 -14.82 2.08 23.14
C VAL A 27 -15.40 0.71 22.86
N GLY A 28 -15.23 -0.21 23.80
CA GLY A 28 -15.60 -1.59 23.61
C GLY A 28 -14.35 -2.42 23.42
N THR A 29 -13.94 -3.17 24.44
CA THR A 29 -12.72 -3.97 24.41
C THR A 29 -13.02 -5.44 24.19
N GLY A 30 -13.97 -5.73 23.29
CA GLY A 30 -14.26 -7.09 22.91
C GLY A 30 -13.26 -7.64 21.91
N ALA A 31 -13.72 -8.59 21.08
CA ALA A 31 -12.84 -9.18 20.08
C ALA A 31 -12.37 -8.12 19.09
N VAL A 32 -13.31 -7.33 18.57
CA VAL A 32 -12.99 -6.32 17.57
C VAL A 32 -12.17 -5.20 18.19
N GLY A 33 -12.51 -4.80 19.41
CA GLY A 33 -11.82 -3.69 20.03
C GLY A 33 -10.32 -3.94 20.18
N MET A 34 -9.95 -5.08 20.77
CA MET A 34 -8.54 -5.37 20.98
C MET A 34 -7.83 -5.73 19.67
N ALA A 35 -8.52 -6.37 18.72
CA ALA A 35 -7.94 -6.53 17.40
C ALA A 35 -7.56 -5.17 16.83
N CYS A 36 -8.45 -4.19 16.94
CA CYS A 36 -8.07 -2.83 16.60
C CYS A 36 -6.87 -2.38 17.43
N ALA A 37 -6.88 -2.68 18.73
CA ALA A 37 -5.86 -2.14 19.63
C ALA A 37 -4.49 -2.68 19.27
N ILE A 38 -4.34 -4.00 19.16
CA ILE A 38 -3.03 -4.56 18.88
C ILE A 38 -2.54 -4.12 17.50
N SER A 39 -3.46 -3.91 16.55
CA SER A 39 -3.06 -3.49 15.22
C SER A 39 -2.61 -2.03 15.22
N ILE A 40 -3.32 -1.18 15.95
CA ILE A 40 -2.89 0.21 16.02
C ILE A 40 -1.55 0.30 16.74
N LEU A 41 -1.31 -0.60 17.70
CA LEU A 41 -0.08 -0.52 18.49
C LEU A 41 1.13 -0.97 17.70
N LEU A 42 0.98 -2.03 16.91
CA LEU A 42 2.10 -2.57 16.15
C LEU A 42 2.39 -1.78 14.89
N LYS A 43 1.56 -0.80 14.56
CA LYS A 43 1.84 0.13 13.47
C LYS A 43 2.25 1.50 13.97
N ASP A 44 2.38 1.67 15.29
CA ASP A 44 2.69 2.96 15.93
C ASP A 44 1.91 4.10 15.30
N LEU A 45 0.59 4.00 15.40
CA LEU A 45 -0.29 5.04 14.90
C LEU A 45 -0.76 5.98 16.00
N ALA A 46 -0.41 5.71 17.26
CA ALA A 46 -0.91 6.52 18.37
C ALA A 46 0.15 6.74 19.43
N ASP A 47 0.28 8.01 19.87
CA ASP A 47 1.07 8.34 21.05
C ASP A 47 0.50 7.67 22.30
N GLU A 48 -0.80 7.82 22.52
CA GLU A 48 -1.50 7.32 23.68
C GLU A 48 -2.73 6.57 23.18
N LEU A 49 -3.05 5.45 23.84
CA LEU A 49 -4.22 4.65 23.52
C LEU A 49 -5.04 4.49 24.79
N ALA A 50 -6.29 4.96 24.74
CA ALA A 50 -7.20 4.87 25.86
C ALA A 50 -8.27 3.84 25.57
N LEU A 51 -8.68 3.10 26.59
CA LEU A 51 -9.66 2.04 26.42
C LEU A 51 -10.84 2.28 27.34
N VAL A 52 -12.04 2.05 26.82
CA VAL A 52 -13.29 2.24 27.56
C VAL A 52 -14.17 1.02 27.34
N ASP A 53 -14.86 0.62 28.39
CA ASP A 53 -15.78 -0.51 28.35
C ASP A 53 -16.56 -0.43 29.64
N VAL A 54 -17.67 -1.17 29.71
CA VAL A 54 -18.44 -1.23 30.95
C VAL A 54 -18.14 -2.50 31.74
N ALA A 55 -17.48 -3.48 31.13
CA ALA A 55 -16.94 -4.64 31.84
C ALA A 55 -15.64 -4.21 32.49
N GLU A 56 -15.77 -3.62 33.68
CA GLU A 56 -14.63 -2.99 34.34
C GLU A 56 -13.48 -3.98 34.56
N ASP A 57 -13.81 -5.24 34.84
CA ASP A 57 -12.76 -6.23 35.09
C ASP A 57 -12.04 -6.61 33.81
N LYS A 58 -12.80 -7.01 32.80
CA LYS A 58 -12.20 -7.34 31.50
C LYS A 58 -11.45 -6.15 30.92
N LEU A 59 -11.96 -4.94 31.11
CA LEU A 59 -11.24 -3.77 30.60
C LEU A 59 -9.88 -3.63 31.29
N LYS A 60 -9.85 -3.79 32.61
CA LYS A 60 -8.58 -3.66 33.33
C LYS A 60 -7.60 -4.75 32.92
N GLY A 61 -8.10 -5.97 32.69
CA GLY A 61 -7.20 -7.06 32.32
C GLY A 61 -6.62 -6.87 30.92
N GLU A 62 -7.46 -6.51 29.96
CA GLU A 62 -6.98 -6.29 28.61
C GLU A 62 -5.95 -5.16 28.57
N MET A 63 -6.12 -4.15 29.42
CA MET A 63 -5.18 -3.03 29.41
C MET A 63 -3.83 -3.43 29.99
N MET A 64 -3.83 -4.20 31.09
CA MET A 64 -2.56 -4.62 31.67
C MET A 64 -1.80 -5.52 30.72
N ASP A 65 -2.52 -6.43 30.05
CA ASP A 65 -1.90 -7.33 29.09
C ASP A 65 -1.24 -6.54 27.98
N LEU A 66 -1.91 -5.50 27.49
CA LEU A 66 -1.28 -4.64 26.49
C LEU A 66 -0.08 -3.93 27.08
N GLN A 67 -0.20 -3.45 28.32
CA GLN A 67 0.89 -2.69 28.93
C GLN A 67 2.16 -3.53 29.05
N HIS A 68 2.00 -4.80 29.43
CA HIS A 68 3.17 -5.65 29.64
C HIS A 68 3.96 -5.87 28.35
N GLY A 69 3.36 -5.58 27.20
CA GLY A 69 4.09 -5.59 25.95
C GLY A 69 4.74 -4.27 25.60
N SER A 70 4.72 -3.30 26.52
CA SER A 70 5.20 -1.95 26.22
C SER A 70 6.60 -1.95 25.64
N LEU A 71 7.45 -2.89 26.07
CA LEU A 71 8.82 -2.92 25.58
C LEU A 71 8.90 -3.21 24.10
N PHE A 72 7.89 -3.86 23.53
CA PHE A 72 7.96 -4.33 22.17
C PHE A 72 7.26 -3.42 21.16
N PHE A 73 6.59 -2.35 21.61
CA PHE A 73 6.07 -1.37 20.67
C PHE A 73 6.44 0.02 21.17
N SER A 74 5.93 1.08 20.53
CA SER A 74 6.36 2.43 20.84
C SER A 74 5.26 3.34 21.40
N THR A 75 4.03 2.89 21.48
CA THR A 75 3.03 3.68 22.19
C THR A 75 3.40 3.75 23.67
N SER A 76 3.59 4.97 24.16
CA SER A 76 4.20 5.20 25.46
C SER A 76 3.22 5.30 26.61
N LYS A 77 1.92 5.36 26.35
CA LYS A 77 0.93 5.42 27.43
C LYS A 77 -0.32 4.66 27.01
N ILE A 78 -0.69 3.66 27.79
CA ILE A 78 -1.93 2.92 27.62
C ILE A 78 -2.75 3.09 28.89
N THR A 79 -3.99 3.53 28.72
CA THR A 79 -4.88 3.86 29.83
C THR A 79 -6.23 3.22 29.60
N SER A 80 -7.02 3.15 30.68
CA SER A 80 -8.36 2.58 30.57
C SER A 80 -9.22 3.11 31.71
N GLY A 81 -10.53 2.96 31.54
CA GLY A 81 -11.47 3.40 32.55
C GLY A 81 -12.90 3.46 32.05
N LYS A 82 -13.86 3.26 32.97
CA LYS A 82 -15.27 3.34 32.62
C LYS A 82 -15.72 4.79 32.43
N ASP A 83 -15.08 5.74 33.10
CA ASP A 83 -15.40 7.16 32.94
C ASP A 83 -14.70 7.70 31.69
N TYR A 84 -15.46 8.39 30.84
CA TYR A 84 -14.94 8.88 29.56
C TYR A 84 -13.98 10.04 29.71
N SER A 85 -13.48 10.36 30.91
CA SER A 85 -12.43 11.37 30.98
C SER A 85 -11.13 10.89 30.38
N VAL A 86 -10.88 9.56 30.39
CA VAL A 86 -9.67 9.07 29.74
C VAL A 86 -9.76 9.25 28.23
N SER A 87 -10.97 9.46 27.69
CA SER A 87 -11.14 9.73 26.28
C SER A 87 -10.58 11.09 25.88
N ALA A 88 -10.30 11.95 26.84
CA ALA A 88 -10.12 13.37 26.59
C ALA A 88 -9.14 13.64 25.45
N ASN A 89 -9.54 14.57 24.58
CA ASN A 89 -8.68 15.08 23.52
C ASN A 89 -8.09 13.96 22.66
N SER A 90 -8.96 13.06 22.22
CA SER A 90 -8.59 12.01 21.29
C SER A 90 -8.67 12.56 19.88
N ARG A 91 -7.72 12.16 19.04
CA ARG A 91 -7.83 12.50 17.63
C ARG A 91 -8.94 11.70 16.98
N ILE A 92 -9.05 10.43 17.34
CA ILE A 92 -10.05 9.51 16.80
C ILE A 92 -10.59 8.66 17.94
N VAL A 93 -11.92 8.50 17.97
CA VAL A 93 -12.57 7.59 18.89
C VAL A 93 -13.20 6.47 18.06
N ILE A 94 -12.78 5.24 18.33
CA ILE A 94 -13.24 4.05 17.62
C ILE A 94 -14.30 3.39 18.46
N VAL A 95 -15.48 3.18 17.89
CA VAL A 95 -16.61 2.62 18.62
C VAL A 95 -16.78 1.18 18.19
N THR A 96 -16.49 0.25 19.09
CA THR A 96 -16.57 -1.18 18.80
C THR A 96 -17.56 -1.90 19.71
N ALA A 97 -18.34 -1.18 20.49
CA ALA A 97 -19.17 -1.79 21.52
C ALA A 97 -20.49 -2.27 20.91
N GLY A 98 -20.99 -3.38 21.43
CA GLY A 98 -22.32 -3.82 21.07
C GLY A 98 -22.46 -5.30 20.77
N ALA A 99 -23.68 -5.72 20.44
CA ALA A 99 -23.95 -7.12 20.13
C ALA A 99 -23.56 -7.41 18.69
N ARG A 100 -23.44 -8.69 18.37
CA ARG A 100 -23.02 -9.12 17.04
C ARG A 100 -24.24 -9.45 16.20
N GLN A 101 -24.28 -8.89 15.00
CA GLN A 101 -25.44 -9.02 14.13
C GLN A 101 -25.06 -8.53 12.74
N GLN A 102 -25.88 -8.93 11.77
CA GLN A 102 -25.73 -8.50 10.38
C GLN A 102 -26.57 -7.25 10.13
N GLU A 103 -26.74 -6.89 8.86
CA GLU A 103 -27.49 -5.71 8.49
C GLU A 103 -28.67 -6.08 7.61
N GLY A 104 -29.59 -5.12 7.50
CA GLY A 104 -30.73 -5.19 6.61
C GLY A 104 -31.83 -6.06 7.15
N GLU A 105 -31.58 -7.36 7.14
CA GLU A 105 -32.50 -8.34 7.69
C GLU A 105 -31.88 -8.93 8.94
N THR A 106 -32.39 -8.47 10.06
CA THR A 106 -31.88 -8.63 11.40
C THR A 106 -33.05 -8.25 12.29
N ARG A 107 -33.00 -8.75 13.51
CA ARG A 107 -34.03 -8.58 14.51
C ARG A 107 -33.86 -7.20 15.15
N LEU A 108 -34.93 -6.40 15.21
CA LEU A 108 -34.85 -5.03 15.76
C LEU A 108 -34.42 -4.98 17.22
N ALA A 109 -34.64 -6.05 17.96
CA ALA A 109 -34.26 -6.04 19.37
C ALA A 109 -32.77 -5.80 19.52
N LEU A 110 -31.96 -6.42 18.65
CA LEU A 110 -30.53 -6.17 18.74
C LEU A 110 -30.16 -4.83 18.10
N VAL A 111 -30.75 -4.50 16.96
CA VAL A 111 -30.49 -3.18 16.38
C VAL A 111 -30.78 -2.10 17.40
N GLN A 112 -31.88 -2.23 18.13
CA GLN A 112 -32.21 -1.22 19.13
C GLN A 112 -31.28 -1.28 20.32
N ARG A 113 -30.82 -2.48 20.69
CA ARG A 113 -29.91 -2.59 21.83
C ARG A 113 -28.64 -1.79 21.58
N ASN A 114 -28.04 -1.97 20.41
CA ASN A 114 -26.82 -1.22 20.09
C ASN A 114 -27.11 0.25 19.89
N VAL A 115 -28.32 0.61 19.45
CA VAL A 115 -28.68 2.02 19.40
C VAL A 115 -28.68 2.60 20.80
N ALA A 116 -29.19 1.83 21.76
CA ALA A 116 -29.18 2.29 23.16
C ALA A 116 -27.76 2.56 23.63
N ILE A 117 -26.81 1.69 23.25
CA ILE A 117 -25.44 1.86 23.70
C ILE A 117 -24.87 3.19 23.24
N MET A 118 -25.16 3.58 21.99
CA MET A 118 -24.61 4.80 21.44
C MET A 118 -25.20 6.03 22.12
N LYS A 119 -26.50 5.97 22.43
CA LYS A 119 -27.11 7.04 23.20
C LYS A 119 -26.38 7.25 24.51
N SER A 120 -25.78 6.19 25.05
CA SER A 120 -25.13 6.25 26.36
C SER A 120 -23.75 6.91 26.29
N ILE A 121 -23.02 6.70 25.20
CA ILE A 121 -21.60 6.99 25.12
C ILE A 121 -21.32 8.19 24.26
N ILE A 122 -22.05 8.38 23.16
CA ILE A 122 -21.69 9.43 22.22
C ILE A 122 -21.73 10.80 22.88
N PRO A 123 -22.73 11.15 23.69
CA PRO A 123 -22.70 12.49 24.32
C PRO A 123 -21.42 12.75 25.09
N ALA A 124 -21.02 11.78 25.93
CA ALA A 124 -19.78 11.94 26.69
C ALA A 124 -18.57 12.00 25.78
N ILE A 125 -18.46 11.04 24.85
CA ILE A 125 -17.31 10.99 23.95
C ILE A 125 -17.09 12.35 23.28
N VAL A 126 -18.18 12.97 22.84
CA VAL A 126 -18.07 14.24 22.13
C VAL A 126 -17.77 15.37 23.10
N HIS A 127 -18.19 15.24 24.36
CA HIS A 127 -17.91 16.28 25.34
C HIS A 127 -16.42 16.37 25.62
N TYR A 128 -15.76 15.21 25.77
CA TYR A 128 -14.36 15.18 26.14
C TYR A 128 -13.42 15.30 24.97
N SER A 129 -13.88 15.07 23.73
CA SER A 129 -13.03 15.15 22.55
C SER A 129 -13.77 15.88 21.44
N PRO A 130 -13.98 17.19 21.61
CA PRO A 130 -14.86 17.91 20.68
C PRO A 130 -14.40 17.91 19.23
N ASP A 131 -13.09 17.89 18.98
CA ASP A 131 -12.59 18.01 17.61
C ASP A 131 -12.26 16.64 17.00
N CYS A 132 -12.76 15.57 17.59
CA CYS A 132 -12.39 14.23 17.16
C CYS A 132 -13.23 13.79 15.98
N LYS A 133 -12.73 12.77 15.29
CA LYS A 133 -13.51 11.99 14.34
C LYS A 133 -13.97 10.74 15.06
N ILE A 134 -15.23 10.34 14.86
CA ILE A 134 -15.75 9.11 15.42
C ILE A 134 -15.78 8.07 14.30
N LEU A 135 -15.13 6.94 14.53
CA LEU A 135 -15.07 5.86 13.56
C LEU A 135 -15.90 4.71 14.09
N VAL A 136 -17.04 4.49 13.46
CA VAL A 136 -18.04 3.56 13.95
C VAL A 136 -17.81 2.19 13.33
N VAL A 137 -17.69 1.16 14.18
CA VAL A 137 -17.46 -0.21 13.71
C VAL A 137 -18.63 -1.13 14.05
N SER A 138 -19.26 -0.93 15.20
CA SER A 138 -20.34 -1.80 15.64
C SER A 138 -21.41 -1.90 14.56
N ASN A 139 -22.09 -3.06 14.53
CA ASN A 139 -23.08 -3.37 13.50
C ASN A 139 -24.50 -3.29 14.04
N PRO A 140 -25.48 -2.96 13.20
CA PRO A 140 -25.37 -2.63 11.78
C PRO A 140 -24.67 -1.31 11.55
N VAL A 141 -23.57 -1.34 10.80
CA VAL A 141 -22.63 -0.23 10.85
C VAL A 141 -23.19 0.99 10.11
N ASP A 142 -23.89 0.76 9.00
CA ASP A 142 -24.42 1.90 8.26
C ASP A 142 -25.52 2.62 9.02
N ILE A 143 -26.23 1.91 9.90
CA ILE A 143 -27.30 2.54 10.66
C ILE A 143 -26.77 3.23 11.91
N LEU A 144 -25.87 2.57 12.63
CA LEU A 144 -25.33 3.18 13.84
C LEU A 144 -24.50 4.41 13.50
N THR A 145 -23.79 4.41 12.37
CA THR A 145 -23.05 5.63 12.00
C THR A 145 -23.99 6.81 11.85
N TYR A 146 -25.13 6.62 11.19
CA TYR A 146 -26.17 7.65 11.16
C TYR A 146 -26.61 8.02 12.57
N ILE A 147 -26.96 7.02 13.38
CA ILE A 147 -27.42 7.28 14.75
C ILE A 147 -26.41 8.11 15.51
N VAL A 148 -25.15 7.66 15.51
CA VAL A 148 -24.08 8.40 16.17
C VAL A 148 -24.02 9.83 15.66
N TRP A 149 -24.10 10.01 14.34
CA TRP A 149 -23.95 11.35 13.79
C TRP A 149 -25.04 12.29 14.29
N LYS A 150 -26.27 11.77 14.37
CA LYS A 150 -27.37 12.58 14.88
C LYS A 150 -27.13 12.96 16.33
N ILE A 151 -26.83 11.97 17.17
CA ILE A 151 -26.64 12.21 18.60
C ILE A 151 -25.50 13.18 18.81
N SER A 152 -24.40 12.98 18.09
CA SER A 152 -23.17 13.73 18.34
C SER A 152 -23.33 15.19 18.00
N GLY A 153 -24.15 15.50 16.99
CA GLY A 153 -24.22 16.86 16.50
C GLY A 153 -22.96 17.34 15.82
N LEU A 154 -22.02 16.43 15.55
CA LEU A 154 -20.76 16.77 14.92
C LEU A 154 -20.96 16.94 13.42
N PRO A 155 -20.01 17.56 12.74
CA PRO A 155 -20.10 17.64 11.27
C PRO A 155 -20.17 16.25 10.65
N VAL A 156 -20.91 16.16 9.53
CA VAL A 156 -21.06 14.87 8.86
C VAL A 156 -19.71 14.33 8.44
N THR A 157 -18.76 15.24 8.15
CA THR A 157 -17.46 14.81 7.65
C THR A 157 -16.63 14.10 8.72
N ARG A 158 -17.00 14.20 9.99
CA ARG A 158 -16.19 13.70 11.09
C ARG A 158 -16.74 12.44 11.72
N VAL A 159 -17.86 11.92 11.23
CA VAL A 159 -18.48 10.71 11.74
C VAL A 159 -18.49 9.71 10.61
N ILE A 160 -17.71 8.63 10.76
CA ILE A 160 -17.43 7.72 9.66
C ILE A 160 -17.69 6.29 10.08
N GLY A 161 -18.33 5.53 9.20
CA GLY A 161 -18.53 4.11 9.41
C GLY A 161 -17.42 3.30 8.71
N SER A 162 -16.99 2.23 9.39
CA SER A 162 -15.97 1.37 8.81
C SER A 162 -16.44 0.81 7.48
N GLY A 163 -17.75 0.60 7.33
CA GLY A 163 -18.34 0.37 6.03
C GLY A 163 -17.69 -0.76 5.26
N CYS A 164 -17.46 -0.50 3.96
CA CYS A 164 -17.04 -1.52 3.01
C CYS A 164 -15.54 -1.55 2.78
N ASN A 165 -14.73 -0.92 3.65
CA ASN A 165 -13.29 -1.05 3.51
C ASN A 165 -12.88 -2.50 3.59
N LEU A 166 -13.48 -3.24 4.54
CA LEU A 166 -13.18 -4.66 4.68
C LEU A 166 -13.79 -5.46 3.55
N ASP A 167 -15.06 -5.21 3.25
CA ASP A 167 -15.72 -5.86 2.13
C ASP A 167 -14.86 -5.81 0.88
N SER A 168 -14.31 -4.62 0.57
CA SER A 168 -13.47 -4.51 -0.61
C SER A 168 -12.15 -5.27 -0.43
N ALA A 169 -11.65 -5.34 0.80
CA ALA A 169 -10.45 -6.13 1.06
C ALA A 169 -10.72 -7.61 0.82
N ARG A 170 -11.84 -8.11 1.35
CA ARG A 170 -12.25 -9.47 1.05
C ARG A 170 -12.40 -9.65 -0.46
N PHE A 171 -13.12 -8.73 -1.10
CA PHE A 171 -13.26 -8.74 -2.56
C PHE A 171 -11.90 -8.85 -3.24
N ARG A 172 -10.95 -8.00 -2.86
CA ARG A 172 -9.66 -8.02 -3.55
C ARG A 172 -8.86 -9.27 -3.21
N TYR A 173 -9.09 -9.86 -2.03
CA TYR A 173 -8.36 -11.08 -1.70
C TYR A 173 -8.77 -12.24 -2.60
N LEU A 174 -10.09 -12.40 -2.83
CA LEU A 174 -10.55 -13.52 -3.64
C LEU A 174 -10.28 -13.31 -5.12
N ILE A 175 -10.41 -12.08 -5.61
CA ILE A 175 -9.95 -11.79 -6.96
C ILE A 175 -8.49 -12.20 -7.10
N GLY A 176 -7.68 -11.90 -6.08
CA GLY A 176 -6.27 -12.26 -6.16
C GLY A 176 -6.05 -13.75 -6.24
N GLU A 177 -6.82 -14.51 -5.45
CA GLU A 177 -6.71 -15.96 -5.52
C GLU A 177 -7.04 -16.45 -6.92
N LYS A 178 -8.15 -15.96 -7.48
CA LYS A 178 -8.54 -16.41 -8.80
C LYS A 178 -7.43 -16.16 -9.80
N LEU A 179 -6.86 -14.96 -9.79
CA LEU A 179 -5.87 -14.57 -10.78
C LEU A 179 -4.44 -14.90 -10.37
N GLY A 180 -4.21 -15.26 -9.11
CA GLY A 180 -2.86 -15.50 -8.65
C GLY A 180 -2.02 -14.24 -8.56
N VAL A 181 -2.59 -13.17 -8.00
CA VAL A 181 -1.94 -11.88 -7.91
C VAL A 181 -2.19 -11.34 -6.51
N HIS A 182 -1.21 -10.60 -5.98
CA HIS A 182 -1.38 -9.99 -4.66
C HIS A 182 -2.64 -9.11 -4.68
N PRO A 183 -3.43 -9.13 -3.62
CA PRO A 183 -4.62 -8.25 -3.59
C PRO A 183 -4.28 -6.79 -3.82
N THR A 184 -3.11 -6.33 -3.36
CA THR A 184 -2.75 -4.93 -3.56
C THR A 184 -2.79 -4.54 -5.02
N SER A 185 -2.72 -5.52 -5.94
CA SER A 185 -2.65 -5.26 -7.38
C SER A 185 -3.95 -5.53 -8.11
N CYS A 186 -4.82 -6.39 -7.57
CA CYS A 186 -6.20 -6.46 -8.03
C CYS A 186 -6.97 -5.30 -7.42
N HIS A 187 -7.66 -4.53 -8.26
CA HIS A 187 -8.44 -3.39 -7.78
C HIS A 187 -9.91 -3.65 -8.08
N GLY A 188 -10.75 -3.54 -7.06
CA GLY A 188 -12.17 -3.79 -7.22
C GLY A 188 -12.91 -3.22 -6.03
N TRP A 189 -14.10 -2.67 -6.25
CA TRP A 189 -14.77 -1.87 -5.22
C TRP A 189 -16.13 -2.44 -4.86
N ILE A 190 -16.36 -2.57 -3.56
CA ILE A 190 -17.67 -2.87 -3.00
C ILE A 190 -18.15 -1.61 -2.30
N ILE A 191 -19.42 -1.26 -2.48
CA ILE A 191 -20.00 -0.06 -1.89
C ILE A 191 -21.40 -0.36 -1.39
N GLY A 192 -22.00 0.62 -0.74
CA GLY A 192 -23.34 0.46 -0.23
C GLY A 192 -23.36 -0.14 1.15
N GLU A 193 -24.30 -1.05 1.38
CA GLU A 193 -24.42 -1.70 2.67
C GLU A 193 -23.21 -2.58 2.94
N HIS A 194 -22.70 -2.52 4.16
CA HIS A 194 -21.70 -3.49 4.58
C HIS A 194 -22.38 -4.79 4.91
N GLY A 195 -21.96 -5.87 4.27
CA GLY A 195 -22.55 -7.16 4.55
C GLY A 195 -23.51 -7.66 3.49
N ASP A 196 -24.75 -7.95 3.90
CA ASP A 196 -25.57 -8.87 3.14
C ASP A 196 -25.91 -8.36 1.75
N SER A 197 -26.02 -7.05 1.56
CA SER A 197 -26.55 -6.53 0.31
C SER A 197 -25.61 -5.54 -0.36
N SER A 198 -24.31 -5.79 -0.24
CA SER A 198 -23.32 -4.90 -0.82
C SER A 198 -23.35 -4.97 -2.34
N VAL A 199 -22.90 -3.89 -2.97
CA VAL A 199 -22.97 -3.74 -4.42
C VAL A 199 -21.56 -3.87 -4.99
N PRO A 200 -21.28 -4.90 -5.79
CA PRO A 200 -19.99 -4.95 -6.48
C PRO A 200 -20.02 -4.20 -7.80
N LEU A 201 -18.99 -3.42 -8.05
CA LEU A 201 -18.90 -2.62 -9.27
C LEU A 201 -17.90 -3.24 -10.24
N TRP A 202 -18.38 -4.24 -10.97
CA TRP A 202 -17.54 -5.00 -11.88
C TRP A 202 -16.97 -4.15 -13.00
N SER A 203 -17.63 -3.04 -13.33
CA SER A 203 -17.15 -2.15 -14.37
C SER A 203 -15.72 -1.71 -14.12
N GLY A 204 -15.31 -1.64 -12.85
CA GLY A 204 -14.04 -1.06 -12.47
C GLY A 204 -12.99 -2.06 -12.03
N VAL A 205 -13.41 -3.28 -11.71
CA VAL A 205 -12.48 -4.36 -11.36
C VAL A 205 -11.41 -4.44 -12.43
N ASN A 206 -10.14 -4.37 -12.03
CA ASN A 206 -9.08 -4.28 -13.02
C ASN A 206 -7.75 -4.69 -12.41
N VAL A 207 -6.81 -4.97 -13.31
CA VAL A 207 -5.41 -5.21 -13.00
C VAL A 207 -4.59 -4.37 -13.97
N ALA A 208 -3.61 -3.64 -13.47
CA ALA A 208 -2.75 -2.79 -14.31
C ALA A 208 -3.55 -1.93 -15.29
N GLY A 209 -4.74 -1.51 -14.87
CA GLY A 209 -5.56 -0.67 -15.71
C GLY A 209 -6.38 -1.40 -16.75
N VAL A 210 -6.37 -2.73 -16.72
CA VAL A 210 -7.11 -3.54 -17.66
C VAL A 210 -8.41 -3.96 -17.00
N ALA A 211 -9.52 -3.33 -17.41
CA ALA A 211 -10.83 -3.78 -16.97
C ALA A 211 -10.97 -5.27 -17.25
N LEU A 212 -11.46 -6.01 -16.25
CA LEU A 212 -11.61 -7.44 -16.46
C LEU A 212 -12.84 -7.76 -17.31
N LYS A 213 -13.91 -6.96 -17.21
CA LYS A 213 -15.07 -7.18 -18.07
C LYS A 213 -14.76 -6.84 -19.52
N THR A 214 -13.66 -6.12 -19.76
CA THR A 214 -13.13 -6.01 -21.10
C THR A 214 -12.81 -7.37 -21.69
N LEU A 215 -12.18 -8.24 -20.89
CA LEU A 215 -11.79 -9.56 -21.34
C LEU A 215 -12.91 -10.58 -21.23
N ASP A 216 -13.97 -10.27 -20.49
CA ASP A 216 -15.08 -11.20 -20.25
C ASP A 216 -16.33 -10.36 -20.16
N PRO A 217 -16.98 -10.08 -21.30
CA PRO A 217 -18.12 -9.15 -21.27
C PRO A 217 -19.24 -9.58 -20.32
N LYS A 218 -19.26 -10.84 -19.91
CA LYS A 218 -20.31 -11.34 -19.01
C LYS A 218 -19.85 -11.37 -17.55
N LEU A 219 -18.84 -10.58 -17.19
CA LEU A 219 -18.29 -10.61 -15.83
C LEU A 219 -19.35 -10.14 -14.84
N GLY A 220 -19.65 -10.98 -13.87
CA GLY A 220 -20.57 -10.59 -12.82
C GLY A 220 -22.02 -10.90 -13.12
N THR A 221 -22.32 -11.43 -14.30
CA THR A 221 -23.64 -11.95 -14.61
C THR A 221 -23.68 -13.44 -14.30
N ASP A 222 -24.90 -13.97 -14.23
CA ASP A 222 -25.05 -15.40 -14.03
C ASP A 222 -24.61 -16.19 -15.26
N SER A 223 -24.86 -15.63 -16.45
CA SER A 223 -24.44 -16.27 -17.68
C SER A 223 -22.94 -16.53 -17.72
N ASP A 224 -22.15 -15.79 -16.95
CA ASP A 224 -20.70 -15.93 -16.95
C ASP A 224 -20.29 -17.39 -16.73
N LYS A 225 -19.57 -17.94 -17.71
CA LYS A 225 -19.08 -19.31 -17.58
C LYS A 225 -17.93 -19.41 -16.59
N GLU A 226 -17.29 -18.28 -16.26
CA GLU A 226 -16.25 -18.25 -15.24
C GLU A 226 -16.79 -18.07 -13.84
N HIS A 227 -18.05 -17.64 -13.70
CA HIS A 227 -18.69 -17.55 -12.40
C HIS A 227 -17.93 -16.61 -11.48
N TRP A 228 -17.58 -15.45 -12.03
CA TRP A 228 -16.95 -14.43 -11.22
C TRP A 228 -17.93 -13.83 -10.22
N LYS A 229 -19.23 -13.88 -10.50
CA LYS A 229 -20.15 -13.30 -9.53
C LYS A 229 -20.10 -14.04 -8.20
N ASN A 230 -19.84 -15.34 -8.22
CA ASN A 230 -19.79 -16.09 -6.97
C ASN A 230 -18.67 -15.61 -6.06
N ILE A 231 -17.72 -14.85 -6.61
CA ILE A 231 -16.74 -14.17 -5.76
C ILE A 231 -17.44 -13.19 -4.84
N HIS A 232 -18.33 -12.36 -5.40
CA HIS A 232 -19.05 -11.41 -4.58
C HIS A 232 -19.93 -12.12 -3.54
N LYS A 233 -20.56 -13.22 -3.92
CA LYS A 233 -21.35 -13.95 -2.93
C LYS A 233 -20.48 -14.52 -1.83
N GLN A 234 -19.23 -14.88 -2.17
CA GLN A 234 -18.29 -15.36 -1.15
C GLN A 234 -17.73 -14.21 -0.32
N VAL A 235 -17.51 -13.05 -0.92
CA VAL A 235 -17.26 -11.85 -0.14
C VAL A 235 -18.28 -11.74 0.99
N ILE A 236 -19.56 -11.94 0.65
CA ILE A 236 -20.61 -11.75 1.63
C ILE A 236 -20.65 -12.90 2.62
N GLN A 237 -20.56 -14.13 2.13
CA GLN A 237 -20.83 -15.30 2.96
C GLN A 237 -19.59 -15.92 3.59
N SER A 238 -18.39 -15.59 3.10
CA SER A 238 -17.19 -15.99 3.85
C SER A 238 -17.22 -15.36 5.24
N ALA A 239 -17.84 -14.19 5.39
CA ALA A 239 -18.05 -13.63 6.71
C ALA A 239 -18.97 -14.53 7.54
N TYR A 240 -20.15 -14.83 7.02
CA TYR A 240 -21.07 -15.75 7.70
C TYR A 240 -20.34 -17.02 8.10
N GLU A 241 -19.52 -17.56 7.19
CA GLU A 241 -18.85 -18.84 7.41
C GLU A 241 -17.86 -18.75 8.56
N ILE A 242 -17.09 -17.65 8.63
CA ILE A 242 -16.16 -17.47 9.74
C ILE A 242 -16.90 -17.44 11.06
N ILE A 243 -18.04 -16.75 11.10
CA ILE A 243 -18.84 -16.70 12.33
C ILE A 243 -19.30 -18.10 12.71
N LYS A 244 -19.70 -18.90 11.72
CA LYS A 244 -20.09 -20.28 12.00
C LYS A 244 -18.92 -21.07 12.57
N LEU A 245 -17.73 -20.90 12.00
CA LEU A 245 -16.60 -21.77 12.32
C LEU A 245 -15.88 -21.34 13.59
N LYS A 246 -15.74 -20.03 13.82
CA LYS A 246 -15.04 -19.55 15.00
C LYS A 246 -15.90 -18.69 15.92
N GLY A 247 -17.05 -18.21 15.47
CA GLY A 247 -18.01 -17.56 16.33
C GLY A 247 -18.12 -16.07 16.16
N TYR A 248 -17.16 -15.44 15.50
CA TYR A 248 -17.17 -13.99 15.29
C TYR A 248 -16.07 -13.67 14.29
N THR A 249 -16.00 -12.40 13.91
CA THR A 249 -14.93 -11.85 13.09
C THR A 249 -14.18 -10.86 13.95
N SER A 250 -12.85 -10.97 13.99
CA SER A 250 -12.09 -9.88 14.60
C SER A 250 -10.88 -9.41 13.81
N TRP A 251 -10.11 -10.33 13.22
CA TRP A 251 -8.77 -9.96 12.77
C TRP A 251 -8.81 -9.01 11.58
N ALA A 252 -9.62 -9.34 10.57
CA ALA A 252 -9.59 -8.53 9.35
C ALA A 252 -10.18 -7.15 9.60
N ILE A 253 -11.26 -7.06 10.37
CA ILE A 253 -11.82 -5.74 10.63
C ILE A 253 -10.80 -4.89 11.36
N GLY A 254 -10.07 -5.48 12.29
CA GLY A 254 -9.04 -4.73 13.00
C GLY A 254 -8.02 -4.13 12.05
N LEU A 255 -7.53 -4.95 11.13
CA LEU A 255 -6.62 -4.45 10.09
C LEU A 255 -7.30 -3.40 9.21
N SER A 256 -8.60 -3.56 8.94
CA SER A 256 -9.31 -2.59 8.14
C SER A 256 -9.41 -1.26 8.87
N VAL A 257 -9.71 -1.30 10.17
CA VAL A 257 -9.74 -0.07 10.98
C VAL A 257 -8.35 0.57 11.02
N MET A 258 -7.32 -0.25 11.19
CA MET A 258 -5.94 0.23 11.19
C MET A 258 -5.61 0.91 9.87
N ASP A 259 -6.13 0.39 8.76
CA ASP A 259 -5.96 1.04 7.46
C ASP A 259 -6.56 2.43 7.48
N LEU A 260 -7.79 2.55 7.98
CA LEU A 260 -8.47 3.83 7.97
C LEU A 260 -7.83 4.80 8.95
N VAL A 261 -7.48 4.31 10.14
CA VAL A 261 -6.85 5.20 11.13
C VAL A 261 -5.59 5.81 10.56
N GLY A 262 -4.75 5.01 9.90
CA GLY A 262 -3.58 5.55 9.24
C GLY A 262 -3.89 6.68 8.29
N SER A 263 -4.85 6.47 7.39
CA SER A 263 -5.14 7.50 6.41
C SER A 263 -5.61 8.79 7.08
N ILE A 264 -6.36 8.67 8.17
CA ILE A 264 -6.87 9.87 8.84
C ILE A 264 -5.74 10.61 9.54
N LEU A 265 -5.04 9.93 10.45
CA LEU A 265 -4.03 10.61 11.25
C LEU A 265 -2.89 11.13 10.38
N LYS A 266 -2.39 10.30 9.47
CA LYS A 266 -1.31 10.74 8.60
C LYS A 266 -1.78 11.71 7.50
N ASN A 267 -3.08 12.00 7.43
CA ASN A 267 -3.64 12.88 6.41
C ASN A 267 -3.16 12.47 5.02
N LEU A 268 -3.36 11.20 4.69
CA LEU A 268 -2.87 10.69 3.43
C LEU A 268 -3.73 11.08 2.25
N ARG A 269 -5.02 11.35 2.48
CA ARG A 269 -5.96 11.63 1.39
C ARG A 269 -6.04 10.44 0.43
N ARG A 270 -6.09 9.24 0.99
CA ARG A 270 -6.38 8.04 0.23
C ARG A 270 -7.87 7.87 0.05
N VAL A 271 -8.26 7.14 -0.98
CA VAL A 271 -9.66 6.83 -1.23
C VAL A 271 -9.98 5.46 -0.64
N HIS A 272 -10.98 5.41 0.23
CA HIS A 272 -11.49 4.18 0.81
C HIS A 272 -13.01 4.15 0.73
N PRO A 273 -13.62 2.97 0.54
CA PRO A 273 -15.08 2.86 0.63
C PRO A 273 -15.58 2.82 2.06
N VAL A 274 -15.85 3.96 2.67
CA VAL A 274 -16.38 4.01 4.04
C VAL A 274 -17.79 4.59 4.00
N SER A 275 -18.51 4.41 5.10
CA SER A 275 -19.89 4.91 5.21
C SER A 275 -19.89 6.38 5.57
N THR A 276 -20.41 7.22 4.68
CA THR A 276 -20.72 8.61 4.98
C THR A 276 -22.18 8.87 4.62
N MET A 277 -22.67 10.07 4.90
CA MET A 277 -24.06 10.38 4.60
C MET A 277 -24.22 10.72 3.12
N VAL A 278 -25.14 10.03 2.44
CA VAL A 278 -25.21 10.04 0.98
C VAL A 278 -26.37 10.86 0.44
N LYS A 279 -27.12 11.55 1.29
CA LYS A 279 -28.19 12.40 0.78
C LYS A 279 -27.63 13.39 -0.23
N GLY A 280 -28.29 13.47 -1.37
CA GLY A 280 -27.82 14.30 -2.46
C GLY A 280 -26.81 13.65 -3.37
N LEU A 281 -26.66 12.32 -3.31
CA LEU A 281 -25.68 11.61 -4.11
C LEU A 281 -26.31 10.35 -4.67
N TYR A 282 -25.99 10.06 -5.94
CA TYR A 282 -26.55 8.91 -6.66
C TYR A 282 -28.07 8.88 -6.55
N GLY A 283 -28.69 10.06 -6.60
CA GLY A 283 -30.14 10.13 -6.58
C GLY A 283 -30.78 9.91 -5.25
N ILE A 284 -30.03 10.00 -4.15
CA ILE A 284 -30.57 9.79 -2.82
C ILE A 284 -31.11 11.11 -2.29
N LYS A 285 -32.32 11.08 -1.76
CA LYS A 285 -32.97 12.28 -1.27
C LYS A 285 -33.30 12.23 0.22
N GLU A 286 -32.93 11.17 0.92
CA GLU A 286 -33.14 11.04 2.35
C GLU A 286 -31.80 11.03 3.09
N GLU A 287 -31.85 11.22 4.40
CA GLU A 287 -30.65 11.30 5.22
C GLU A 287 -30.33 9.91 5.76
N LEU A 288 -29.38 9.23 5.12
CA LEU A 288 -28.98 7.88 5.47
C LEU A 288 -27.49 7.74 5.16
N PHE A 289 -26.87 6.70 5.72
CA PHE A 289 -25.44 6.46 5.57
C PHE A 289 -25.18 5.18 4.77
N LEU A 290 -24.36 5.27 3.72
CA LEU A 290 -23.86 4.08 3.03
C LEU A 290 -22.45 4.33 2.53
N SER A 291 -21.77 3.25 2.13
CA SER A 291 -20.37 3.33 1.73
C SER A 291 -20.25 3.74 0.26
N ILE A 292 -19.44 4.75 -0.01
CA ILE A 292 -19.03 5.16 -1.34
C ILE A 292 -17.53 5.47 -1.25
N PRO A 293 -16.81 5.65 -2.35
CA PRO A 293 -15.39 5.99 -2.23
C PRO A 293 -15.19 7.39 -1.66
N CYS A 294 -14.41 7.49 -0.57
CA CYS A 294 -14.21 8.75 0.11
C CYS A 294 -12.73 9.08 0.25
N VAL A 295 -12.39 10.34 0.07
CA VAL A 295 -11.04 10.82 0.36
C VAL A 295 -10.94 11.07 1.86
N LEU A 296 -10.00 10.39 2.52
CA LEU A 296 -9.88 10.43 3.97
C LEU A 296 -8.62 11.17 4.37
N GLY A 297 -8.78 12.17 5.24
CA GLY A 297 -7.67 12.94 5.76
C GLY A 297 -7.80 13.27 7.23
N ARG A 298 -6.99 14.22 7.72
CA ARG A 298 -6.97 14.48 9.15
C ARG A 298 -8.30 15.04 9.65
N ASN A 299 -9.18 15.46 8.75
CA ASN A 299 -10.46 16.08 9.12
C ASN A 299 -11.63 15.14 8.86
N GLY A 300 -11.34 13.86 8.67
CA GLY A 300 -12.38 12.91 8.32
C GLY A 300 -12.52 12.78 6.82
N VAL A 301 -13.76 12.88 6.34
CA VAL A 301 -14.06 12.78 4.92
C VAL A 301 -13.99 14.17 4.33
N SER A 302 -12.95 14.44 3.53
CA SER A 302 -12.81 15.77 2.94
C SER A 302 -13.48 15.87 1.57
N ASP A 303 -13.51 14.80 0.80
CA ASP A 303 -14.11 14.81 -0.54
C ASP A 303 -14.74 13.43 -0.73
N VAL A 304 -15.60 13.31 -1.74
CA VAL A 304 -16.10 11.99 -2.12
C VAL A 304 -16.03 11.84 -3.63
N VAL A 305 -15.96 10.59 -4.06
CA VAL A 305 -15.81 10.26 -5.47
C VAL A 305 -17.19 10.01 -6.06
N LYS A 306 -17.45 10.61 -7.23
CA LYS A 306 -18.72 10.41 -7.93
C LYS A 306 -18.49 9.36 -9.01
N ILE A 307 -18.54 8.09 -8.61
CA ILE A 307 -18.58 7.03 -9.59
C ILE A 307 -19.92 7.10 -10.31
N ASN A 308 -19.87 7.06 -11.63
CA ASN A 308 -21.09 7.02 -12.43
C ASN A 308 -21.61 5.58 -12.41
N LEU A 309 -22.51 5.30 -11.48
CA LEU A 309 -23.10 3.96 -11.40
C LEU A 309 -23.96 3.69 -12.63
N ASN A 310 -23.86 2.48 -13.16
CA ASN A 310 -24.73 2.09 -14.26
C ASN A 310 -26.09 1.69 -13.73
N SER A 311 -27.03 1.44 -14.63
CA SER A 311 -28.43 1.30 -14.23
C SER A 311 -28.62 0.16 -13.23
N GLU A 312 -27.91 -0.95 -13.42
CA GLU A 312 -28.06 -2.08 -12.49
C GLU A 312 -27.46 -1.76 -11.13
N GLU A 313 -26.24 -1.19 -11.12
CA GLU A 313 -25.59 -0.82 -9.87
C GLU A 313 -26.42 0.20 -9.11
N GLU A 314 -26.77 1.32 -9.76
CA GLU A 314 -27.52 2.37 -9.09
C GLU A 314 -28.84 1.87 -8.54
N ALA A 315 -29.44 0.87 -9.18
CA ALA A 315 -30.70 0.34 -8.68
C ALA A 315 -30.52 -0.34 -7.34
N LEU A 316 -29.51 -1.20 -7.22
CA LEU A 316 -29.25 -1.88 -5.95
C LEU A 316 -28.80 -0.89 -4.88
N PHE A 317 -27.97 0.09 -5.25
CA PHE A 317 -27.58 1.13 -4.31
C PHE A 317 -28.79 1.83 -3.74
N LYS A 318 -29.73 2.21 -4.60
CA LYS A 318 -30.91 2.95 -4.12
C LYS A 318 -31.85 2.04 -3.36
N LYS A 319 -31.98 0.78 -3.79
CA LYS A 319 -32.78 -0.17 -3.03
C LYS A 319 -32.24 -0.30 -1.61
N SER A 320 -30.94 -0.56 -1.50
CA SER A 320 -30.28 -0.65 -0.19
C SER A 320 -30.46 0.64 0.59
N ALA A 321 -30.40 1.78 -0.09
CA ALA A 321 -30.61 3.06 0.58
C ALA A 321 -32.00 3.14 1.21
N GLU A 322 -33.02 2.67 0.48
CA GLU A 322 -34.38 2.62 1.02
C GLU A 322 -34.48 1.67 2.20
N THR A 323 -33.74 0.56 2.15
CA THR A 323 -33.75 -0.38 3.26
C THR A 323 -33.32 0.30 4.55
N LEU A 324 -32.13 0.90 4.55
CA LEU A 324 -31.63 1.57 5.74
C LEU A 324 -32.56 2.68 6.16
N TRP A 325 -33.13 3.39 5.18
CA TRP A 325 -33.99 4.53 5.50
C TRP A 325 -35.14 4.12 6.41
N ASN A 326 -35.81 3.03 6.07
CA ASN A 326 -36.96 2.62 6.87
C ASN A 326 -36.53 2.06 8.21
N ILE A 327 -35.36 1.43 8.27
CA ILE A 327 -34.85 0.96 9.55
C ILE A 327 -34.47 2.14 10.43
N GLN A 328 -33.98 3.23 9.84
CA GLN A 328 -33.75 4.46 10.60
C GLN A 328 -35.07 5.04 11.04
N LYS A 329 -35.96 5.20 10.10
CA LYS A 329 -37.33 5.13 10.56
C LYS A 329 -37.67 3.86 11.45
N ASP A 330 -37.17 2.64 11.32
CA ASP A 330 -37.76 1.60 12.23
C ASP A 330 -37.29 1.87 13.73
N LEU A 331 -36.09 2.55 13.99
CA LEU A 331 -35.80 2.92 15.43
C LEU A 331 -36.67 4.12 15.94
N GLN A 332 -36.91 5.15 15.11
CA GLN A 332 -37.66 6.32 15.58
C GLN A 332 -39.03 5.96 16.18
N PHE A 333 -39.70 4.96 15.59
CA PHE A 333 -41.04 4.61 16.06
C PHE A 333 -41.02 3.85 17.37
N LEU A 334 -39.88 3.29 17.77
CA LEU A 334 -39.75 2.72 19.11
C LEU A 334 -39.42 3.81 20.14
N GLU A 335 -38.50 4.72 19.79
CA GLU A 335 -38.22 5.90 20.58
C GLU A 335 -39.33 6.94 20.39
N HIS A 336 -40.54 6.55 20.81
CA HIS A 336 -41.77 7.31 20.56
C HIS A 336 -41.59 8.83 20.72
N SER B 3 42.31 -14.80 30.89
CA SER B 3 41.09 -15.10 30.15
C SER B 3 40.33 -13.80 29.81
N THR B 4 39.92 -13.67 28.55
CA THR B 4 39.36 -12.42 28.07
C THR B 4 37.98 -12.16 28.67
N VAL B 5 37.47 -10.96 28.42
CA VAL B 5 36.11 -10.62 28.80
C VAL B 5 35.12 -11.53 28.08
N LYS B 6 35.31 -11.68 26.76
CA LYS B 6 34.40 -12.52 25.98
C LYS B 6 34.41 -13.95 26.49
N GLU B 7 35.60 -14.49 26.77
CA GLU B 7 35.71 -15.87 27.24
C GLU B 7 34.96 -16.04 28.56
N GLN B 8 35.05 -15.04 29.44
CA GLN B 8 34.45 -15.11 30.76
C GLN B 8 32.96 -14.79 30.73
N LEU B 9 32.53 -13.98 29.75
CA LEU B 9 31.16 -13.51 29.66
C LEU B 9 30.27 -14.47 28.88
N ILE B 10 30.79 -15.04 27.79
CA ILE B 10 29.98 -15.70 26.78
C ILE B 10 30.55 -17.08 26.55
N GLU B 11 29.72 -18.10 26.78
CA GLU B 11 30.09 -19.47 26.46
C GLU B 11 29.57 -19.80 25.07
N LYS B 12 30.48 -20.06 24.13
CA LYS B 12 30.11 -20.48 22.78
C LYS B 12 29.49 -21.88 22.83
N LEU B 13 28.30 -22.03 22.24
CA LEU B 13 27.63 -23.32 22.16
C LEU B 13 27.69 -23.94 20.77
N ILE B 14 27.66 -23.12 19.72
CA ILE B 14 27.78 -23.56 18.33
C ILE B 14 28.55 -22.50 17.58
N GLU B 15 29.11 -22.90 16.45
CA GLU B 15 29.83 -21.97 15.59
C GLU B 15 28.85 -21.19 14.73
N ASP B 16 28.80 -19.87 14.91
CA ASP B 16 27.82 -19.07 14.20
C ASP B 16 28.04 -19.19 12.69
N ASP B 17 26.92 -19.33 11.97
CA ASP B 17 26.92 -19.53 10.53
C ASP B 17 27.07 -18.19 9.83
N GLU B 18 27.74 -18.21 8.67
CA GLU B 18 27.73 -17.10 7.70
C GLU B 18 26.88 -17.49 6.50
N ASN B 19 25.76 -18.17 6.74
CA ASN B 19 24.80 -18.49 5.68
C ASN B 19 23.61 -17.54 5.81
N SER B 20 23.77 -16.33 5.27
CA SER B 20 22.70 -15.34 5.31
C SER B 20 21.58 -15.79 4.40
N GLN B 21 20.41 -16.01 4.99
CA GLN B 21 19.28 -16.53 4.24
C GLN B 21 18.53 -15.44 3.48
N CYS B 22 18.88 -14.17 3.66
CA CYS B 22 18.26 -13.07 2.94
C CYS B 22 19.26 -11.98 2.57
N LYS B 23 20.35 -12.36 1.91
CA LYS B 23 21.42 -11.41 1.61
C LYS B 23 21.15 -10.61 0.33
N ILE B 24 21.68 -9.40 0.31
CA ILE B 24 21.59 -8.51 -0.83
C ILE B 24 22.95 -7.87 -1.08
N THR B 25 23.33 -7.78 -2.36
CA THR B 25 24.53 -7.08 -2.76
C THR B 25 24.13 -5.90 -3.62
N ILE B 26 24.76 -4.75 -3.37
CA ILE B 26 24.68 -3.60 -4.25
C ILE B 26 26.05 -3.40 -4.87
N VAL B 27 26.11 -3.31 -6.20
CA VAL B 27 27.36 -3.12 -6.92
C VAL B 27 27.37 -1.69 -7.46
N GLY B 28 28.27 -0.89 -6.91
CA GLY B 28 28.37 0.53 -7.24
C GLY B 28 27.78 1.40 -6.14
N THR B 29 28.65 1.87 -5.25
CA THR B 29 28.21 2.61 -4.07
C THR B 29 28.30 4.12 -4.32
N GLY B 30 27.61 4.53 -5.38
CA GLY B 30 27.46 5.93 -5.71
C GLY B 30 26.20 6.51 -5.10
N ALA B 31 25.74 7.61 -5.70
CA ALA B 31 24.50 8.24 -5.24
C ALA B 31 23.35 7.24 -5.24
N VAL B 32 23.13 6.59 -6.38
CA VAL B 32 22.04 5.63 -6.51
C VAL B 32 22.32 4.37 -5.70
N GLY B 33 23.57 3.95 -5.64
CA GLY B 33 23.89 2.73 -4.92
C GLY B 33 23.51 2.82 -3.44
N MET B 34 24.00 3.86 -2.76
CA MET B 34 23.75 4.01 -1.33
C MET B 34 22.35 4.56 -1.03
N ALA B 35 21.67 5.17 -2.02
CA ALA B 35 20.25 5.46 -1.83
C ALA B 35 19.47 4.17 -1.69
N CYS B 36 19.71 3.22 -2.61
CA CYS B 36 19.17 1.88 -2.44
C CYS B 36 19.56 1.30 -1.09
N ALA B 37 20.83 1.47 -0.69
CA ALA B 37 21.33 0.80 0.49
C ALA B 37 20.57 1.24 1.74
N ILE B 38 20.42 2.55 1.93
CA ILE B 38 19.80 3.03 3.16
C ILE B 38 18.31 2.70 3.15
N SER B 39 17.67 2.75 1.97
CA SER B 39 16.26 2.41 1.88
C SER B 39 16.02 0.95 2.22
N ILE B 40 16.89 0.06 1.73
CA ILE B 40 16.78 -1.35 2.10
C ILE B 40 16.97 -1.53 3.60
N LEU B 41 17.88 -0.74 4.19
CA LEU B 41 18.22 -0.97 5.58
C LEU B 41 17.08 -0.57 6.52
N LEU B 42 16.39 0.53 6.21
CA LEU B 42 15.31 1.01 7.07
C LEU B 42 13.98 0.31 6.85
N LYS B 43 13.90 -0.58 5.87
CA LYS B 43 12.73 -1.44 5.69
C LYS B 43 12.99 -2.88 6.11
N ASP B 44 14.13 -3.15 6.74
CA ASP B 44 14.52 -4.49 7.20
C ASP B 44 14.20 -5.57 6.16
N LEU B 45 14.65 -5.35 4.93
CA LEU B 45 14.45 -6.33 3.88
C LEU B 45 15.66 -7.23 3.66
N ALA B 46 16.74 -7.07 4.42
CA ALA B 46 17.92 -7.90 4.23
C ALA B 46 18.56 -8.24 5.56
N ASP B 47 18.98 -9.51 5.69
CA ASP B 47 19.72 -9.98 6.85
C ASP B 47 21.19 -9.61 6.77
N GLU B 48 21.74 -9.52 5.56
CA GLU B 48 23.12 -9.15 5.30
C GLU B 48 23.13 -8.26 4.07
N LEU B 49 23.89 -7.17 4.12
CA LEU B 49 24.02 -6.25 3.00
C LEU B 49 25.51 -6.15 2.64
N ALA B 50 25.82 -6.44 1.38
CA ALA B 50 27.20 -6.41 0.90
C ALA B 50 27.34 -5.37 -0.19
N LEU B 51 28.43 -4.60 -0.14
CA LEU B 51 28.67 -3.53 -1.09
C LEU B 51 29.95 -3.81 -1.85
N VAL B 52 29.93 -3.52 -3.15
CA VAL B 52 31.08 -3.72 -4.02
C VAL B 52 31.25 -2.50 -4.90
N ASP B 53 32.51 -2.11 -5.11
CA ASP B 53 32.83 -0.96 -5.94
C ASP B 53 34.30 -1.06 -6.30
N VAL B 54 34.70 -0.30 -7.32
CA VAL B 54 36.11 -0.20 -7.69
C VAL B 54 36.82 0.86 -6.87
N ALA B 55 36.08 1.83 -6.31
CA ALA B 55 36.64 2.90 -5.48
C ALA B 55 36.80 2.38 -4.06
N GLU B 56 37.94 1.72 -3.82
CA GLU B 56 38.14 1.06 -2.54
C GLU B 56 37.89 2.02 -1.39
N ASP B 57 38.50 3.21 -1.45
CA ASP B 57 38.41 4.15 -0.33
C ASP B 57 36.98 4.56 -0.08
N LYS B 58 36.28 5.00 -1.14
CA LYS B 58 34.88 5.37 -0.96
C LYS B 58 34.06 4.20 -0.47
N LEU B 59 34.31 3.01 -1.01
CA LEU B 59 33.54 1.83 -0.62
C LEU B 59 33.69 1.53 0.87
N LYS B 60 34.89 1.71 1.41
CA LYS B 60 35.10 1.44 2.84
C LYS B 60 34.48 2.53 3.71
N GLY B 61 34.54 3.77 3.26
CA GLY B 61 33.93 4.85 4.02
C GLY B 61 32.42 4.72 4.06
N GLU B 62 31.81 4.48 2.90
CA GLU B 62 30.37 4.23 2.85
C GLU B 62 29.98 3.10 3.78
N MET B 63 30.67 1.97 3.67
CA MET B 63 30.32 0.81 4.46
C MET B 63 30.44 1.09 5.95
N MET B 64 31.52 1.75 6.37
CA MET B 64 31.68 2.09 7.78
C MET B 64 30.61 3.04 8.26
N ASP B 65 30.30 4.06 7.45
CA ASP B 65 29.25 5.00 7.84
C ASP B 65 27.93 4.29 8.05
N LEU B 66 27.65 3.25 7.28
CA LEU B 66 26.42 2.50 7.47
C LEU B 66 26.50 1.68 8.75
N GLN B 67 27.63 0.99 8.96
CA GLN B 67 27.74 0.11 10.12
C GLN B 67 27.63 0.86 11.43
N HIS B 68 28.09 2.13 11.48
CA HIS B 68 28.01 2.89 12.73
C HIS B 68 26.56 3.14 13.14
N GLY B 69 25.63 3.13 12.17
CA GLY B 69 24.21 3.16 12.44
C GLY B 69 23.56 1.82 12.74
N SER B 70 24.35 0.77 13.00
CA SER B 70 23.76 -0.55 13.19
C SER B 70 22.71 -0.56 14.29
N LEU B 71 22.89 0.27 15.32
CA LEU B 71 21.98 0.26 16.47
C LEU B 71 20.61 0.81 16.13
N PHE B 72 20.43 1.37 14.93
CA PHE B 72 19.17 1.98 14.56
C PHE B 72 18.40 1.21 13.51
N PHE B 73 18.92 0.07 13.03
CA PHE B 73 18.22 -0.81 12.11
C PHE B 73 18.53 -2.26 12.46
N SER B 74 17.91 -3.18 11.74
CA SER B 74 17.95 -4.59 12.15
C SER B 74 18.88 -5.45 11.30
N THR B 75 19.44 -4.93 10.21
CA THR B 75 20.33 -5.74 9.40
C THR B 75 21.59 -6.03 10.20
N SER B 76 21.92 -7.32 10.33
CA SER B 76 22.89 -7.76 11.32
C SER B 76 24.32 -7.64 10.84
N LYS B 77 24.56 -7.72 9.53
CA LYS B 77 25.91 -7.73 8.98
C LYS B 77 25.97 -6.84 7.75
N ILE B 78 26.97 -5.97 7.70
CA ILE B 78 27.24 -5.15 6.53
C ILE B 78 28.70 -5.39 6.17
N THR B 79 28.95 -5.67 4.89
CA THR B 79 30.27 -6.03 4.42
C THR B 79 30.58 -5.26 3.14
N SER B 80 31.86 -5.15 2.81
CA SER B 80 32.25 -4.56 1.54
C SER B 80 33.48 -5.29 1.00
N GLY B 81 33.83 -4.97 -0.23
CA GLY B 81 35.01 -5.54 -0.83
C GLY B 81 35.03 -5.39 -2.33
N LYS B 82 36.23 -5.23 -2.90
CA LYS B 82 36.37 -5.15 -4.35
C LYS B 82 36.24 -6.52 -4.99
N ASP B 83 36.55 -7.58 -4.27
CA ASP B 83 36.44 -8.94 -4.77
C ASP B 83 35.02 -9.43 -4.51
N TYR B 84 34.41 -10.05 -5.53
CA TYR B 84 32.99 -10.39 -5.47
C TYR B 84 32.72 -11.61 -4.59
N SER B 85 33.73 -12.13 -3.89
CA SER B 85 33.47 -13.23 -2.98
C SER B 85 32.53 -12.79 -1.85
N VAL B 86 32.67 -11.55 -1.39
CA VAL B 86 31.81 -11.04 -0.34
C VAL B 86 30.36 -10.92 -0.79
N SER B 87 30.12 -10.97 -2.09
CA SER B 87 28.75 -10.95 -2.62
C SER B 87 28.15 -12.34 -2.73
N ALA B 88 28.80 -13.35 -2.18
CA ALA B 88 28.37 -14.72 -2.41
C ALA B 88 27.01 -14.97 -1.77
N ASN B 89 26.15 -15.67 -2.49
CA ASN B 89 24.89 -16.19 -1.98
C ASN B 89 23.88 -15.09 -1.67
N SER B 90 23.98 -13.96 -2.37
CA SER B 90 22.90 -12.99 -2.38
C SER B 90 21.68 -13.59 -3.08
N ARG B 91 20.49 -13.25 -2.59
CA ARG B 91 19.25 -13.55 -3.27
C ARG B 91 18.95 -12.54 -4.36
N ILE B 92 19.45 -11.31 -4.19
CA ILE B 92 19.35 -10.26 -5.19
C ILE B 92 20.67 -9.51 -5.23
N VAL B 93 21.14 -9.24 -6.44
CA VAL B 93 22.27 -8.34 -6.67
C VAL B 93 21.75 -7.15 -7.45
N ILE B 94 21.89 -5.95 -6.89
CA ILE B 94 21.42 -4.72 -7.50
C ILE B 94 22.62 -4.02 -8.13
N VAL B 95 22.56 -3.81 -9.44
CA VAL B 95 23.67 -3.22 -10.19
C VAL B 95 23.35 -1.75 -10.39
N THR B 96 24.13 -0.88 -9.75
CA THR B 96 23.99 0.56 -9.90
C THR B 96 25.30 1.21 -10.34
N ALA B 97 26.25 0.42 -10.83
CA ALA B 97 27.53 0.94 -11.27
C ALA B 97 27.39 1.54 -12.66
N GLY B 98 28.14 2.58 -12.93
CA GLY B 98 28.19 3.14 -14.26
C GLY B 98 28.35 4.65 -14.23
N ALA B 99 28.22 5.23 -15.41
CA ALA B 99 28.29 6.68 -15.59
C ALA B 99 26.89 7.22 -15.84
N ARG B 100 26.63 8.41 -15.31
CA ARG B 100 25.32 9.05 -15.45
C ARG B 100 25.05 9.35 -16.92
N GLN B 101 23.88 8.94 -17.41
CA GLN B 101 23.63 8.78 -18.83
C GLN B 101 22.13 8.87 -19.10
N GLN B 102 21.72 8.48 -20.31
CA GLN B 102 20.33 8.57 -20.74
C GLN B 102 20.09 7.50 -21.78
N GLU B 103 18.83 7.32 -22.16
CA GLU B 103 18.48 6.37 -23.21
C GLU B 103 18.16 7.06 -24.53
N ARG B 107 24.99 9.93 -27.13
CA ARG B 107 26.22 9.40 -27.71
C ARG B 107 26.45 7.95 -27.28
N LEU B 108 27.14 7.18 -28.12
CA LEU B 108 27.35 5.77 -27.86
C LEU B 108 28.68 5.48 -27.16
N ALA B 109 29.61 6.45 -27.15
CA ALA B 109 30.85 6.24 -26.41
C ALA B 109 30.57 5.89 -24.95
N LEU B 110 29.51 6.48 -24.39
CA LEU B 110 29.18 6.25 -22.99
C LEU B 110 28.36 4.98 -22.79
N VAL B 111 27.50 4.62 -23.75
CA VAL B 111 26.78 3.35 -23.64
C VAL B 111 27.75 2.19 -23.59
N GLN B 112 28.73 2.17 -24.51
CA GLN B 112 29.77 1.15 -24.48
C GLN B 112 30.58 1.23 -23.19
N ARG B 113 30.74 2.42 -22.62
CA ARG B 113 31.48 2.57 -21.37
C ARG B 113 30.86 1.75 -20.26
N ASN B 114 29.53 1.79 -20.16
CA ASN B 114 28.83 1.03 -19.12
C ASN B 114 28.66 -0.44 -19.51
N VAL B 115 28.61 -0.73 -20.81
CA VAL B 115 28.63 -2.12 -21.24
C VAL B 115 29.97 -2.76 -20.88
N ALA B 116 31.05 -1.99 -20.94
CA ALA B 116 32.35 -2.50 -20.51
C ALA B 116 32.29 -2.94 -19.05
N ILE B 117 31.55 -2.18 -18.23
CA ILE B 117 31.45 -2.50 -16.81
C ILE B 117 30.70 -3.80 -16.62
N MET B 118 29.54 -3.93 -17.27
CA MET B 118 28.74 -5.15 -17.11
C MET B 118 29.56 -6.39 -17.46
N LYS B 119 30.35 -6.31 -18.53
CA LYS B 119 31.08 -7.48 -18.98
C LYS B 119 32.08 -7.96 -17.94
N SER B 120 32.54 -7.07 -17.06
CA SER B 120 33.55 -7.42 -16.09
C SER B 120 33.00 -7.76 -14.71
N ILE B 121 31.77 -7.35 -14.39
CA ILE B 121 31.19 -7.67 -13.10
C ILE B 121 30.21 -8.83 -13.18
N ILE B 122 29.36 -8.86 -14.22
CA ILE B 122 28.28 -9.85 -14.23
C ILE B 122 28.82 -11.25 -14.13
N PRO B 123 29.95 -11.63 -14.76
CA PRO B 123 30.41 -13.03 -14.60
C PRO B 123 30.74 -13.39 -13.16
N ALA B 124 31.52 -12.57 -12.46
CA ALA B 124 31.83 -12.87 -11.07
C ALA B 124 30.58 -12.84 -10.19
N ILE B 125 29.64 -11.94 -10.50
CA ILE B 125 28.42 -11.86 -9.69
C ILE B 125 27.68 -13.18 -9.76
N VAL B 126 27.44 -13.68 -10.97
CA VAL B 126 26.64 -14.88 -11.11
C VAL B 126 27.43 -16.07 -10.61
N HIS B 127 28.75 -16.03 -10.71
CA HIS B 127 29.55 -17.16 -10.27
C HIS B 127 29.36 -17.41 -8.78
N TYR B 128 29.38 -16.34 -7.98
CA TYR B 128 29.31 -16.44 -6.53
C TYR B 128 27.87 -16.56 -6.02
N SER B 129 26.89 -16.02 -6.75
CA SER B 129 25.47 -16.10 -6.37
C SER B 129 24.70 -16.73 -7.52
N PRO B 130 24.81 -18.06 -7.68
CA PRO B 130 24.22 -18.69 -8.86
C PRO B 130 22.70 -18.65 -8.92
N ASP B 131 22.02 -18.54 -7.78
CA ASP B 131 20.55 -18.52 -7.76
C ASP B 131 19.97 -17.12 -7.64
N CYS B 132 20.79 -16.09 -7.81
CA CYS B 132 20.34 -14.75 -7.53
C CYS B 132 19.38 -14.25 -8.61
N LYS B 133 18.72 -13.14 -8.28
CA LYS B 133 18.07 -12.27 -9.24
C LYS B 133 18.97 -11.06 -9.41
N ILE B 134 19.09 -10.57 -10.63
CA ILE B 134 19.91 -9.39 -10.92
C ILE B 134 18.97 -8.26 -11.26
N LEU B 135 18.97 -7.21 -10.44
CA LEU B 135 18.17 -6.02 -10.67
C LEU B 135 19.09 -4.96 -11.24
N VAL B 136 18.86 -4.58 -12.49
CA VAL B 136 19.74 -3.66 -13.20
C VAL B 136 19.16 -2.26 -13.07
N VAL B 137 19.95 -1.34 -12.55
CA VAL B 137 19.53 0.04 -12.43
C VAL B 137 20.28 0.96 -13.38
N SER B 138 21.56 0.69 -13.64
CA SER B 138 22.39 1.55 -14.46
C SER B 138 21.76 1.79 -15.83
N ASN B 139 22.08 2.96 -16.42
CA ASN B 139 21.48 3.38 -17.67
C ASN B 139 22.49 3.29 -18.82
N PRO B 140 22.01 3.04 -20.05
CA PRO B 140 20.62 2.79 -20.44
C PRO B 140 20.10 1.46 -19.88
N VAL B 141 19.06 1.54 -19.04
CA VAL B 141 18.65 0.39 -18.25
C VAL B 141 18.08 -0.71 -19.14
N ASP B 142 17.18 -0.36 -20.06
CA ASP B 142 16.62 -1.38 -20.94
C ASP B 142 17.70 -2.04 -21.79
N ILE B 143 18.71 -1.27 -22.16
CA ILE B 143 19.83 -1.83 -22.92
C ILE B 143 20.64 -2.75 -22.03
N LEU B 144 21.14 -2.21 -20.91
CA LEU B 144 22.06 -2.96 -20.07
C LEU B 144 21.41 -4.20 -19.46
N THR B 145 20.10 -4.15 -19.18
CA THR B 145 19.44 -5.35 -18.70
C THR B 145 19.58 -6.46 -19.74
N TYR B 146 19.37 -6.13 -21.01
CA TYR B 146 19.60 -7.09 -22.08
C TYR B 146 21.05 -7.56 -22.11
N ILE B 147 21.99 -6.62 -22.04
CA ILE B 147 23.39 -6.98 -22.01
C ILE B 147 23.67 -7.92 -20.84
N VAL B 148 23.24 -7.52 -19.64
CA VAL B 148 23.50 -8.33 -18.45
C VAL B 148 22.90 -9.73 -18.63
N TRP B 149 21.70 -9.81 -19.20
CA TRP B 149 21.07 -11.10 -19.37
C TRP B 149 21.91 -12.04 -20.23
N LYS B 150 22.37 -11.53 -21.38
CA LYS B 150 23.17 -12.37 -22.27
C LYS B 150 24.50 -12.73 -21.64
N ILE B 151 25.12 -11.80 -20.89
CA ILE B 151 26.36 -12.14 -20.20
C ILE B 151 26.12 -13.22 -19.16
N SER B 152 25.08 -13.03 -18.32
CA SER B 152 24.87 -13.90 -17.18
C SER B 152 24.57 -15.33 -17.59
N GLY B 153 24.00 -15.51 -18.78
CA GLY B 153 23.47 -16.80 -19.14
C GLY B 153 22.31 -17.25 -18.30
N LEU B 154 21.74 -16.37 -17.48
CA LEU B 154 20.67 -16.73 -16.59
C LEU B 154 19.33 -16.75 -17.32
N PRO B 155 18.31 -17.36 -16.71
CA PRO B 155 16.97 -17.30 -17.29
C PRO B 155 16.52 -15.85 -17.43
N VAL B 156 15.69 -15.61 -18.44
CA VAL B 156 15.25 -14.25 -18.72
C VAL B 156 14.44 -13.71 -17.55
N THR B 157 13.77 -14.60 -16.81
CA THR B 157 12.87 -14.17 -15.76
C THR B 157 13.61 -13.68 -14.53
N ARG B 158 14.92 -13.83 -14.46
CA ARG B 158 15.70 -13.46 -13.29
C ARG B 158 16.61 -12.28 -13.53
N VAL B 159 16.58 -11.69 -14.71
CA VAL B 159 17.26 -10.42 -14.99
C VAL B 159 16.20 -9.37 -15.26
N ILE B 160 16.21 -8.30 -14.46
CA ILE B 160 15.12 -7.34 -14.40
C ILE B 160 15.72 -5.95 -14.37
N GLY B 161 15.21 -5.06 -15.20
CA GLY B 161 15.61 -3.67 -15.15
C GLY B 161 14.65 -2.88 -14.27
N SER B 162 15.22 -2.01 -13.43
CA SER B 162 14.37 -1.15 -12.62
C SER B 162 13.28 -0.55 -13.48
N GLY B 163 13.64 -0.11 -14.69
CA GLY B 163 12.63 0.12 -15.71
C GLY B 163 11.73 1.29 -15.40
N CYS B 164 10.44 1.10 -15.65
CA CYS B 164 9.45 2.16 -15.54
C CYS B 164 8.68 2.12 -14.22
N ASN B 165 9.16 1.34 -13.23
CA ASN B 165 8.63 1.47 -11.88
C ASN B 165 8.74 2.90 -11.40
N LEU B 166 9.92 3.51 -11.54
CA LEU B 166 10.09 4.90 -11.16
C LEU B 166 9.30 5.82 -12.06
N ASP B 167 9.31 5.58 -13.38
CA ASP B 167 8.52 6.40 -14.29
C ASP B 167 7.07 6.45 -13.83
N SER B 168 6.51 5.30 -13.50
CA SER B 168 5.11 5.23 -13.11
C SER B 168 4.88 5.88 -11.75
N ALA B 169 5.88 5.82 -10.86
CA ALA B 169 5.73 6.48 -9.56
C ALA B 169 5.67 7.99 -9.73
N ARG B 170 6.46 8.53 -10.66
CA ARG B 170 6.34 9.94 -11.01
C ARG B 170 4.98 10.24 -11.65
N PHE B 171 4.60 9.41 -12.64
CA PHE B 171 3.30 9.56 -13.28
C PHE B 171 2.19 9.72 -12.25
N ARG B 172 2.20 8.86 -11.23
CA ARG B 172 1.12 8.88 -10.25
C ARG B 172 1.24 10.04 -9.28
N TYR B 173 2.46 10.48 -8.96
CA TYR B 173 2.60 11.64 -8.09
C TYR B 173 2.00 12.88 -8.73
N LEU B 174 2.23 13.09 -10.03
CA LEU B 174 1.73 14.28 -10.70
C LEU B 174 0.23 14.18 -10.95
N ILE B 175 -0.27 12.98 -11.23
CA ILE B 175 -1.72 12.80 -11.31
C ILE B 175 -2.35 13.08 -9.96
N GLY B 176 -1.66 12.73 -8.87
CA GLY B 176 -2.23 12.95 -7.55
C GLY B 176 -2.27 14.41 -7.18
N GLU B 177 -1.24 15.18 -7.56
CA GLU B 177 -1.26 16.60 -7.23
C GLU B 177 -2.36 17.32 -8.01
N LYS B 178 -2.59 16.92 -9.26
CA LYS B 178 -3.64 17.57 -10.04
C LYS B 178 -5.01 17.29 -9.45
N LEU B 179 -5.21 16.09 -8.90
CA LEU B 179 -6.50 15.69 -8.38
C LEU B 179 -6.66 15.91 -6.89
N GLY B 180 -5.57 16.07 -6.16
CA GLY B 180 -5.65 16.18 -4.72
C GLY B 180 -5.90 14.85 -4.04
N VAL B 181 -5.26 13.79 -4.51
CA VAL B 181 -5.43 12.44 -4.00
C VAL B 181 -4.05 11.80 -3.86
N HIS B 182 -3.91 10.94 -2.87
CA HIS B 182 -2.64 10.27 -2.64
C HIS B 182 -2.23 9.48 -3.87
N PRO B 183 -0.95 9.48 -4.23
CA PRO B 183 -0.54 8.69 -5.40
C PRO B 183 -0.98 7.24 -5.34
N THR B 184 -1.08 6.65 -4.15
CA THR B 184 -1.46 5.24 -4.09
C THR B 184 -2.86 5.02 -4.65
N SER B 185 -3.73 6.02 -4.53
CA SER B 185 -5.11 5.91 -4.96
C SER B 185 -5.33 6.39 -6.39
N CYS B 186 -4.32 7.00 -7.01
CA CYS B 186 -4.33 7.36 -8.41
C CYS B 186 -3.54 6.30 -9.15
N HIS B 187 -4.19 5.59 -10.06
CA HIS B 187 -3.57 4.49 -10.79
C HIS B 187 -3.33 4.91 -12.24
N GLY B 188 -2.13 4.61 -12.73
CA GLY B 188 -1.74 5.00 -14.07
C GLY B 188 -0.44 4.29 -14.42
N TRP B 189 -0.20 4.03 -15.70
CA TRP B 189 0.89 3.15 -16.08
C TRP B 189 1.77 3.78 -17.16
N ILE B 190 3.08 3.73 -16.94
CA ILE B 190 4.09 4.09 -17.92
C ILE B 190 4.86 2.83 -18.27
N ILE B 191 4.90 2.48 -19.56
CA ILE B 191 5.60 1.29 -20.01
C ILE B 191 6.48 1.66 -21.19
N GLY B 192 7.29 0.69 -21.62
CA GLY B 192 8.22 0.93 -22.70
C GLY B 192 9.58 1.36 -22.21
N GLU B 193 10.15 2.38 -22.83
CA GLU B 193 11.47 2.86 -22.43
C GLU B 193 11.41 3.59 -21.10
N HIS B 194 12.37 3.33 -20.22
CA HIS B 194 12.66 4.26 -19.12
C HIS B 194 13.40 5.44 -19.74
N GLY B 195 12.68 6.54 -19.97
CA GLY B 195 13.35 7.71 -20.51
C GLY B 195 12.45 8.59 -21.33
N ASP B 196 12.89 8.94 -22.54
CA ASP B 196 12.22 9.95 -23.34
C ASP B 196 11.11 9.39 -24.21
N SER B 197 11.15 8.09 -24.52
CA SER B 197 10.14 7.49 -25.38
C SER B 197 9.18 6.60 -24.58
N SER B 198 8.96 6.92 -23.31
CA SER B 198 8.04 6.13 -22.50
C SER B 198 6.62 6.34 -23.02
N VAL B 199 5.78 5.34 -22.78
CA VAL B 199 4.43 5.29 -23.35
C VAL B 199 3.41 5.38 -22.23
N PRO B 200 2.62 6.46 -22.16
CA PRO B 200 1.55 6.51 -21.15
C PRO B 200 0.28 5.85 -21.64
N LEU B 201 -0.32 5.03 -20.76
CA LEU B 201 -1.56 4.33 -21.08
C LEU B 201 -2.72 5.05 -20.42
N TRP B 202 -3.18 6.12 -21.06
CA TRP B 202 -4.35 6.84 -20.58
C TRP B 202 -5.60 5.99 -20.59
N SER B 203 -5.59 4.90 -21.36
CA SER B 203 -6.67 3.92 -21.33
C SER B 203 -7.07 3.59 -19.89
N GLY B 204 -6.08 3.37 -19.03
CA GLY B 204 -6.31 2.79 -17.73
C GLY B 204 -6.04 3.74 -16.58
N VAL B 205 -5.61 4.95 -16.87
CA VAL B 205 -5.50 5.94 -15.80
C VAL B 205 -6.86 6.08 -15.12
N ASN B 206 -6.89 5.89 -13.80
CA ASN B 206 -8.16 5.83 -13.12
C ASN B 206 -8.01 6.11 -11.63
N VAL B 207 -9.12 6.50 -11.01
CA VAL B 207 -9.28 6.57 -9.57
C VAL B 207 -10.54 5.80 -9.21
N ALA B 208 -10.44 4.95 -8.20
CA ALA B 208 -11.58 4.15 -7.73
C ALA B 208 -12.24 3.37 -8.88
N GLY B 209 -11.46 3.03 -9.90
CA GLY B 209 -11.98 2.28 -11.03
C GLY B 209 -12.59 3.12 -12.12
N VAL B 210 -12.65 4.44 -11.95
CA VAL B 210 -13.23 5.36 -12.92
C VAL B 210 -12.12 5.74 -13.90
N ALA B 211 -12.19 5.20 -15.12
CA ALA B 211 -11.26 5.63 -16.15
C ALA B 211 -11.36 7.14 -16.31
N LEU B 212 -10.23 7.83 -16.25
CA LEU B 212 -10.28 9.29 -16.30
C LEU B 212 -10.68 9.78 -17.68
N LYS B 213 -10.25 9.08 -18.74
CA LYS B 213 -10.63 9.50 -20.08
C LYS B 213 -12.13 9.33 -20.31
N THR B 214 -12.77 8.45 -19.54
CA THR B 214 -14.23 8.39 -19.57
C THR B 214 -14.84 9.76 -19.36
N LEU B 215 -14.24 10.55 -18.46
CA LEU B 215 -14.78 11.85 -18.08
C LEU B 215 -14.28 12.98 -18.97
N ASP B 216 -13.26 12.74 -19.79
CA ASP B 216 -12.70 13.75 -20.69
C ASP B 216 -12.07 13.01 -21.86
N PRO B 217 -12.88 12.64 -22.86
CA PRO B 217 -12.42 11.64 -23.84
C PRO B 217 -11.20 12.04 -24.65
N LYS B 218 -10.77 13.31 -24.61
CA LYS B 218 -9.53 13.74 -25.25
C LYS B 218 -8.34 13.70 -24.30
N LEU B 219 -8.48 12.99 -23.18
CA LEU B 219 -7.39 12.81 -22.24
C LEU B 219 -6.14 12.31 -22.94
N GLY B 220 -5.05 13.06 -22.80
CA GLY B 220 -3.77 12.64 -23.29
C GLY B 220 -3.46 13.06 -24.71
N THR B 221 -4.35 13.81 -25.34
CA THR B 221 -4.12 14.37 -26.67
C THR B 221 -3.68 15.82 -26.55
N ASP B 222 -3.25 16.39 -27.69
CA ASP B 222 -3.01 17.82 -27.77
C ASP B 222 -4.33 18.58 -27.81
N SER B 223 -5.37 17.98 -28.40
CA SER B 223 -6.70 18.58 -28.41
C SER B 223 -7.19 18.92 -27.00
N ASP B 224 -6.79 18.13 -26.01
CA ASP B 224 -7.33 18.24 -24.66
C ASP B 224 -7.23 19.66 -24.13
N LYS B 225 -8.35 20.15 -23.58
CA LYS B 225 -8.38 21.49 -23.00
C LYS B 225 -7.71 21.52 -21.63
N GLU B 226 -7.76 20.41 -20.89
CA GLU B 226 -7.08 20.34 -19.60
C GLU B 226 -5.59 20.07 -19.74
N HIS B 227 -5.15 19.59 -20.90
CA HIS B 227 -3.74 19.33 -21.16
C HIS B 227 -3.17 18.38 -20.10
N TRP B 228 -3.74 17.17 -20.09
CA TRP B 228 -3.17 16.10 -19.30
C TRP B 228 -1.90 15.57 -19.93
N LYS B 229 -1.75 15.73 -21.24
CA LYS B 229 -0.56 15.20 -21.88
C LYS B 229 0.72 15.88 -21.39
N ASN B 230 0.62 17.03 -20.71
CA ASN B 230 1.84 17.63 -20.16
C ASN B 230 2.32 16.91 -18.91
N ILE B 231 1.43 16.18 -18.22
CA ILE B 231 1.85 15.38 -17.07
C ILE B 231 2.82 14.30 -17.50
N HIS B 232 2.62 13.73 -18.69
CA HIS B 232 3.59 12.79 -19.25
C HIS B 232 4.88 13.50 -19.63
N LYS B 233 4.79 14.67 -20.28
CA LYS B 233 5.99 15.43 -20.57
C LYS B 233 6.78 15.69 -19.30
N GLN B 234 6.08 15.96 -18.19
CA GLN B 234 6.75 16.17 -16.92
C GLN B 234 7.39 14.89 -16.41
N VAL B 235 6.69 13.76 -16.55
CA VAL B 235 7.28 12.49 -16.13
C VAL B 235 8.69 12.36 -16.69
N ILE B 236 8.90 12.85 -17.92
CA ILE B 236 10.19 12.71 -18.59
C ILE B 236 11.11 13.86 -18.22
N GLN B 237 10.57 15.08 -18.16
CA GLN B 237 11.39 16.25 -17.94
C GLN B 237 11.69 16.50 -16.47
N SER B 238 10.88 15.96 -15.56
CA SER B 238 11.21 16.06 -14.14
C SER B 238 12.61 15.52 -13.88
N ALA B 239 12.94 14.37 -14.48
CA ALA B 239 14.26 13.79 -14.29
C ALA B 239 15.35 14.74 -14.78
N TYR B 240 15.19 15.29 -15.99
CA TYR B 240 16.18 16.23 -16.51
C TYR B 240 16.30 17.44 -15.60
N GLU B 241 15.16 18.03 -15.23
CA GLU B 241 15.16 19.16 -14.32
C GLU B 241 15.99 18.86 -13.08
N ILE B 242 15.68 17.75 -12.40
CA ILE B 242 16.41 17.39 -11.19
C ILE B 242 17.91 17.33 -11.47
N ILE B 243 18.29 16.75 -12.60
CA ILE B 243 19.72 16.59 -12.88
C ILE B 243 20.39 17.93 -13.11
N LYS B 244 19.67 18.91 -13.67
CA LYS B 244 20.23 20.24 -13.84
C LYS B 244 20.38 20.96 -12.50
N LEU B 245 19.43 20.75 -11.60
CA LEU B 245 19.42 21.52 -10.36
C LEU B 245 20.28 20.90 -9.28
N LYS B 246 20.18 19.58 -9.09
CA LYS B 246 20.92 18.87 -8.07
C LYS B 246 22.18 18.20 -8.61
N GLY B 247 22.16 17.80 -9.88
CA GLY B 247 23.26 17.12 -10.52
C GLY B 247 22.98 15.70 -10.91
N TYR B 248 22.04 15.04 -10.22
CA TYR B 248 21.75 13.63 -10.46
C TYR B 248 20.40 13.31 -9.82
N THR B 249 20.02 12.04 -9.92
CA THR B 249 18.82 11.53 -9.29
C THR B 249 19.22 10.38 -8.39
N SER B 250 18.84 10.46 -7.12
CA SER B 250 19.12 9.36 -6.20
C SER B 250 17.91 8.84 -5.42
N TRP B 251 17.13 9.72 -4.80
CA TRP B 251 16.23 9.26 -3.74
C TRP B 251 15.06 8.46 -4.29
N ALA B 252 14.38 8.97 -5.32
CA ALA B 252 13.22 8.28 -5.85
C ALA B 252 13.58 6.90 -6.38
N ILE B 253 14.69 6.81 -7.13
CA ILE B 253 15.06 5.53 -7.72
C ILE B 253 15.44 4.54 -6.62
N GLY B 254 16.14 5.01 -5.59
CA GLY B 254 16.39 4.16 -4.44
C GLY B 254 15.10 3.60 -3.86
N LEU B 255 14.09 4.46 -3.72
CA LEU B 255 12.81 4.00 -3.22
C LEU B 255 12.17 3.00 -4.17
N SER B 256 12.23 3.28 -5.48
CA SER B 256 11.64 2.37 -6.45
C SER B 256 12.34 1.01 -6.40
N VAL B 257 13.67 1.00 -6.27
CA VAL B 257 14.37 -0.27 -6.14
C VAL B 257 13.89 -1.00 -4.88
N MET B 258 13.78 -0.29 -3.76
CA MET B 258 13.32 -0.88 -2.51
C MET B 258 11.91 -1.46 -2.66
N ASP B 259 11.07 -0.84 -3.50
CA ASP B 259 9.75 -1.38 -3.77
C ASP B 259 9.83 -2.73 -4.47
N LEU B 260 10.64 -2.78 -5.54
CA LEU B 260 10.80 -4.02 -6.30
C LEU B 260 11.42 -5.10 -5.43
N VAL B 261 12.50 -4.77 -4.72
CA VAL B 261 13.16 -5.75 -3.88
C VAL B 261 12.17 -6.39 -2.91
N GLY B 262 11.20 -5.61 -2.44
CA GLY B 262 10.25 -6.15 -1.49
C GLY B 262 9.29 -7.15 -2.11
N SER B 263 8.80 -6.86 -3.32
CA SER B 263 7.93 -7.81 -4.00
C SER B 263 8.65 -9.11 -4.27
N ILE B 264 9.94 -9.02 -4.65
CA ILE B 264 10.69 -10.22 -4.97
C ILE B 264 10.94 -11.05 -3.71
N LEU B 265 11.60 -10.47 -2.71
CA LEU B 265 12.03 -11.26 -1.56
C LEU B 265 10.85 -11.87 -0.82
N LYS B 266 9.84 -11.06 -0.52
CA LYS B 266 8.64 -11.53 0.16
C LYS B 266 7.69 -12.29 -0.75
N ASN B 267 8.04 -12.44 -2.03
CA ASN B 267 7.26 -13.18 -3.02
C ASN B 267 5.79 -12.77 -2.98
N LEU B 268 5.55 -11.48 -3.16
CA LEU B 268 4.21 -10.93 -3.03
C LEU B 268 3.38 -11.12 -4.29
N ARG B 269 4.02 -11.25 -5.45
CA ARG B 269 3.32 -11.40 -6.71
C ARG B 269 2.55 -10.13 -7.06
N ARG B 270 3.15 -8.99 -6.78
CA ARG B 270 2.60 -7.70 -7.18
C ARG B 270 3.00 -7.41 -8.61
N VAL B 271 2.23 -6.57 -9.27
CA VAL B 271 2.48 -6.19 -10.65
C VAL B 271 3.21 -4.85 -10.66
N HIS B 272 4.40 -4.84 -11.23
CA HIS B 272 5.17 -3.62 -11.44
C HIS B 272 5.55 -3.50 -12.91
N PRO B 273 5.64 -2.29 -13.44
CA PRO B 273 6.15 -2.12 -14.81
C PRO B 273 7.67 -2.14 -14.87
N VAL B 274 8.28 -3.32 -14.99
CA VAL B 274 9.73 -3.45 -14.98
C VAL B 274 10.23 -3.96 -16.33
N SER B 275 11.51 -3.70 -16.60
CA SER B 275 12.10 -4.12 -17.86
C SER B 275 12.31 -5.62 -17.91
N THR B 276 11.61 -6.30 -18.83
CA THR B 276 11.86 -7.69 -19.16
C THR B 276 11.96 -7.80 -20.67
N MET B 277 12.34 -8.98 -21.17
CA MET B 277 12.53 -9.19 -22.59
C MET B 277 11.20 -9.53 -23.24
N VAL B 278 10.83 -8.77 -24.27
CA VAL B 278 9.46 -8.72 -24.74
C VAL B 278 9.29 -9.37 -26.12
N LYS B 279 10.21 -10.22 -26.54
CA LYS B 279 10.07 -10.90 -27.82
C LYS B 279 8.84 -11.79 -27.80
N GLY B 280 7.90 -11.53 -28.71
CA GLY B 280 6.67 -12.27 -28.81
C GLY B 280 5.44 -11.45 -28.50
N LEU B 281 5.60 -10.33 -27.81
CA LEU B 281 4.50 -9.45 -27.43
C LEU B 281 4.44 -8.26 -28.37
N TYR B 282 3.25 -7.68 -28.50
CA TYR B 282 3.03 -6.49 -29.32
C TYR B 282 3.87 -6.54 -30.59
N GLY B 283 3.88 -7.71 -31.21
CA GLY B 283 4.59 -7.88 -32.47
C GLY B 283 6.05 -7.51 -32.42
N ILE B 284 6.72 -7.79 -31.31
CA ILE B 284 8.16 -7.59 -31.20
C ILE B 284 8.86 -8.86 -31.63
N LYS B 285 9.75 -8.75 -32.61
CA LYS B 285 10.35 -9.91 -33.26
C LYS B 285 11.77 -10.18 -32.81
N GLU B 286 12.41 -9.25 -32.10
CA GLU B 286 13.82 -9.37 -31.74
C GLU B 286 13.95 -9.42 -30.21
N GLU B 287 15.18 -9.64 -29.77
CA GLU B 287 15.48 -9.73 -28.34
C GLU B 287 15.89 -8.34 -27.88
N LEU B 288 14.95 -7.66 -27.22
CA LEU B 288 15.20 -6.37 -26.57
C LEU B 288 14.40 -6.37 -25.27
N PHE B 289 14.86 -5.57 -24.32
CA PHE B 289 14.20 -5.43 -23.02
C PHE B 289 13.45 -4.11 -22.99
N LEU B 290 12.20 -4.13 -22.53
CA LEU B 290 11.43 -2.92 -22.33
C LEU B 290 10.44 -3.16 -21.19
N SER B 291 10.02 -2.08 -20.54
CA SER B 291 9.16 -2.22 -19.37
C SER B 291 7.73 -2.55 -19.77
N ILE B 292 7.18 -3.60 -19.17
CA ILE B 292 5.75 -3.89 -19.24
C ILE B 292 5.28 -4.44 -17.89
N PRO B 293 3.99 -4.52 -17.64
CA PRO B 293 3.53 -4.98 -16.32
C PRO B 293 3.84 -6.44 -16.05
N CYS B 294 4.77 -6.71 -15.14
CA CYS B 294 5.11 -8.08 -14.78
C CYS B 294 4.75 -8.38 -13.34
N VAL B 295 4.48 -9.65 -13.06
CA VAL B 295 4.23 -10.14 -11.70
C VAL B 295 5.57 -10.55 -11.09
N LEU B 296 5.94 -9.90 -10.00
CA LEU B 296 7.22 -10.15 -9.33
C LEU B 296 7.03 -11.03 -8.10
N GLY B 297 7.88 -12.04 -8.00
CA GLY B 297 7.89 -12.97 -6.89
C GLY B 297 9.33 -13.38 -6.58
N ARG B 298 9.51 -14.46 -5.83
CA ARG B 298 10.84 -14.80 -5.35
C ARG B 298 11.77 -15.30 -6.46
N ASN B 299 11.26 -15.50 -7.67
CA ASN B 299 12.11 -15.90 -8.80
C ASN B 299 12.18 -14.80 -9.85
N GLY B 300 11.84 -13.56 -9.49
CA GLY B 300 11.77 -12.51 -10.47
C GLY B 300 10.44 -12.58 -11.21
N VAL B 301 10.49 -12.29 -12.51
CA VAL B 301 9.27 -12.26 -13.31
C VAL B 301 8.72 -13.68 -13.40
N SER B 302 7.55 -13.90 -12.82
CA SER B 302 6.90 -15.19 -12.98
C SER B 302 5.79 -15.15 -14.03
N ASP B 303 5.24 -13.97 -14.29
CA ASP B 303 4.11 -13.79 -15.20
C ASP B 303 4.24 -12.37 -15.75
N VAL B 304 3.66 -12.13 -16.92
CA VAL B 304 3.55 -10.78 -17.45
C VAL B 304 2.11 -10.52 -17.83
N VAL B 305 1.70 -9.26 -17.76
CA VAL B 305 0.33 -8.87 -18.07
C VAL B 305 0.26 -8.49 -19.54
N LYS B 306 -0.80 -8.94 -20.20
CA LYS B 306 -1.00 -8.69 -21.63
C LYS B 306 -2.03 -7.57 -21.75
N ILE B 307 -1.54 -6.35 -21.78
CA ILE B 307 -2.37 -5.18 -22.04
C ILE B 307 -2.56 -5.06 -23.54
N ASN B 308 -3.81 -4.98 -23.98
CA ASN B 308 -4.09 -4.82 -25.41
C ASN B 308 -3.90 -3.35 -25.77
N LEU B 309 -2.64 -3.00 -26.04
CA LEU B 309 -2.31 -1.63 -26.42
C LEU B 309 -3.15 -1.17 -27.60
N ASN B 310 -3.62 0.07 -27.53
CA ASN B 310 -4.51 0.58 -28.56
C ASN B 310 -3.72 1.03 -29.78
N SER B 311 -4.43 1.60 -30.76
CA SER B 311 -3.86 1.97 -32.04
C SER B 311 -2.54 2.71 -31.89
N GLU B 312 -2.56 3.82 -31.15
CA GLU B 312 -1.41 4.70 -31.06
C GLU B 312 -0.38 4.21 -30.05
N GLU B 313 -0.84 3.65 -28.91
CA GLU B 313 0.08 3.13 -27.92
C GLU B 313 1.01 2.08 -28.52
N GLU B 314 0.43 1.06 -29.16
CA GLU B 314 1.24 0.01 -29.77
C GLU B 314 2.26 0.59 -30.74
N ALA B 315 1.89 1.67 -31.44
CA ALA B 315 2.80 2.26 -32.42
C ALA B 315 4.08 2.74 -31.76
N LEU B 316 3.95 3.57 -30.72
CA LEU B 316 5.13 4.13 -30.08
C LEU B 316 5.89 3.07 -29.30
N PHE B 317 5.18 2.10 -28.70
CA PHE B 317 5.88 1.01 -28.04
C PHE B 317 6.76 0.27 -29.04
N LYS B 318 6.23 -0.04 -30.22
CA LYS B 318 7.03 -0.71 -31.25
C LYS B 318 8.09 0.21 -31.84
N LYS B 319 7.85 1.52 -31.83
CA LYS B 319 8.89 2.47 -32.19
C LYS B 319 9.97 2.53 -31.11
N SER B 320 9.55 2.79 -29.87
CA SER B 320 10.41 2.70 -28.69
C SER B 320 11.25 1.44 -28.79
N ALA B 321 10.62 0.33 -29.19
CA ALA B 321 11.32 -0.94 -29.26
C ALA B 321 12.45 -0.90 -30.27
N GLU B 322 12.18 -0.40 -31.48
CA GLU B 322 13.18 -0.46 -32.54
C GLU B 322 14.32 0.51 -32.26
N THR B 323 14.02 1.68 -31.72
CA THR B 323 15.08 2.58 -31.29
C THR B 323 16.17 1.79 -30.59
N LEU B 324 15.77 0.95 -29.64
CA LEU B 324 16.71 0.19 -28.85
C LEU B 324 17.40 -0.88 -29.68
N TRP B 325 16.62 -1.66 -30.44
CA TRP B 325 17.19 -2.77 -31.20
C TRP B 325 18.31 -2.31 -32.11
N ASN B 326 18.18 -1.11 -32.68
CA ASN B 326 19.23 -0.57 -33.53
C ASN B 326 20.37 0.04 -32.73
N ILE B 327 20.15 0.39 -31.47
CA ILE B 327 21.29 0.76 -30.63
C ILE B 327 22.04 -0.50 -30.21
N GLN B 328 21.33 -1.61 -30.04
CA GLN B 328 21.99 -2.82 -29.56
C GLN B 328 22.95 -3.40 -30.60
N LYS B 329 22.49 -3.49 -31.87
CA LYS B 329 23.25 -4.21 -32.89
C LYS B 329 24.64 -3.64 -33.08
N ASP B 330 24.86 -2.38 -32.72
CA ASP B 330 26.20 -1.78 -32.79
C ASP B 330 27.05 -2.32 -31.65
N LEU B 331 27.25 -3.64 -31.69
CA LEU B 331 28.19 -4.39 -30.87
C LEU B 331 28.29 -3.87 -29.43
C01 J9X C . -21.35 -8.43 11.37
C03 J9X C . -19.74 -9.02 9.60
C05 J9X C . -18.31 -8.90 9.02
C08 J9X C . -21.38 -9.58 12.26
N02 J9X C . -20.07 -8.35 10.75
O04 J9X C . -20.61 -9.72 9.04
O06 J9X C . -17.43 -9.51 9.65
O07 J9X C . -18.22 -8.21 8.01
H1 J9X C . -21.59 -7.50 11.95
H2 J9X C . -22.17 -8.50 10.62
H3 J9X C . -22.36 -9.64 12.77
H4 J9X C . -20.60 -9.51 13.03
H5 J9X C . -21.23 -10.52 11.70
H6 J9X C . -19.38 -7.76 11.19
PA NAD D . -17.79 -8.53 21.98
O1A NAD D . -16.50 -9.22 21.88
O2A NAD D . -18.98 -9.21 22.52
O5B NAD D . -17.65 -7.07 23.01
C5B NAD D . -17.62 -5.74 22.70
C4B NAD D . -17.84 -4.79 23.90
O4B NAD D . -18.97 -3.86 23.87
C3B NAD D . -18.14 -5.58 25.19
O3B NAD D . -16.93 -5.88 25.79
C2B NAD D . -19.05 -4.57 26.04
O2B NAD D . -18.67 -4.48 27.35
C1B NAD D . -19.09 -3.29 25.13
N9A NAD D . -20.12 -2.37 25.59
C8A NAD D . -21.54 -2.56 25.76
N7A NAD D . -22.10 -1.44 26.23
C5A NAD D . -21.07 -0.47 26.38
C6A NAD D . -21.03 0.91 26.83
N6A NAD D . -22.19 1.58 27.23
N1A NAD D . -19.82 1.58 26.88
C2A NAD D . -18.69 0.86 26.47
N3A NAD D . -18.61 -0.41 26.04
C4A NAD D . -19.84 -1.07 26.00
O3 NAD D . -18.13 -7.95 20.52
PN NAD D . -17.13 -8.05 19.31
O1N NAD D . -17.06 -9.35 18.62
O2N NAD D . -15.94 -7.15 19.36
O5D NAD D . -18.07 -7.24 18.05
C5D NAD D . -18.04 -6.01 18.15
C4D NAD D . -19.23 -5.35 17.42
O4D NAD D . -19.04 -4.71 16.05
C3D NAD D . -20.43 -6.23 17.00
O3D NAD D . -21.54 -5.38 16.80
C2D NAD D . -19.96 -6.91 15.69
O2D NAD D . -20.98 -7.36 14.85
C1D NAD D . -19.26 -5.80 14.94
N1N NAD D . -18.32 -6.04 13.75
C2N NAD D . -18.31 -5.13 12.66
C3N NAD D . -17.55 -5.34 11.53
C7N NAD D . -17.44 -4.39 10.34
O7N NAD D . -16.95 -4.75 9.28
N7N NAD D . -17.92 -3.10 10.42
C4N NAD D . -16.84 -6.55 11.55
C5N NAD D . -16.92 -7.43 12.62
C6N NAD D . -17.71 -7.16 13.71
H51A NAD D . -16.70 -5.38 22.24
H52A NAD D . -18.38 -5.42 21.97
H4B NAD D . -16.80 -4.38 24.08
H3B NAD D . -18.75 -6.41 24.79
HO3A NAD D . -16.27 -6.17 25.12
H2B NAD D . -20.17 -4.54 25.90
HO2A NAD D . -17.78 -4.86 27.41
H1B NAD D . -18.22 -2.62 25.45
H8A NAD D . -22.06 -3.54 25.52
H61A NAD D . -22.30 2.60 27.35
H62A NAD D . -23.07 1.13 27.41
H2A NAD D . -17.70 1.45 26.50
H51N NAD D . -17.05 -5.59 17.75
H52N NAD D . -18.00 -5.68 19.23
H4D NAD D . -19.63 -4.79 18.33
H3D NAD D . -20.44 -6.93 17.85
HO3N NAD D . -21.25 -4.43 16.68
H2D NAD D . -19.12 -7.67 15.87
HO2N NAD D . -20.61 -7.61 13.99
H1D NAD D . -20.01 -6.01 14.12
H2N NAD D . -18.95 -4.23 12.76
H71N NAD D . -17.91 -2.38 9.69
H72N NAD D . -18.35 -2.70 11.25
H4N NAD D . -16.19 -6.81 10.67
H5N NAD D . -16.35 -8.41 12.64
H6N NAD D . -17.86 -7.85 14.57
S SO4 E . -17.49 -6.29 35.57
O1 SO4 E . -16.62 -7.03 34.65
O2 SO4 E . -17.48 -6.94 36.88
O3 SO4 E . -17.04 -4.92 35.75
O4 SO4 E . -18.86 -6.25 35.05
S SO4 F . -23.53 18.74 8.86
O1 SO4 F . -22.46 17.87 8.40
O2 SO4 F . -24.16 18.17 10.03
O3 SO4 F . -22.96 20.05 9.17
O4 SO4 F . -24.51 18.89 7.78
S SO4 G . -6.61 1.11 -4.40
O1 SO4 G . -5.29 1.11 -5.03
O2 SO4 G . -6.51 0.31 -3.17
O3 SO4 G . -6.99 2.50 -4.06
O4 SO4 G . -7.62 0.51 -5.29
C01 J9X H . 18.83 9.18 -16.25
C03 J9X H . 16.60 9.30 -15.26
C05 J9X H . 15.67 9.07 -14.01
C08 J9X H . 20.16 9.10 -15.70
N02 J9X H . 17.91 8.96 -15.20
O04 J9X H . 16.19 9.83 -16.32
O06 J9X H . 16.19 9.33 -12.90
O07 J9X H . 14.53 8.67 -14.26
H1 J9X H . 18.71 8.44 -17.08
H2 J9X H . 18.69 10.17 -16.76
H3 J9X H . 20.81 9.86 -16.14
H4 J9X H . 20.59 8.11 -15.89
H5 J9X H . 20.12 9.25 -14.61
H6 J9X H . 18.26 8.53 -14.36
PA NAD I . 28.02 7.73 -9.37
O1A NAD I . 27.63 8.50 -8.16
O2A NAD I . 29.15 8.17 -10.22
O5B NAD I . 28.46 6.08 -8.79
C5B NAD I . 28.37 4.86 -9.37
C4B NAD I . 29.50 3.88 -8.94
O4B NAD I . 29.81 2.84 -9.84
C3B NAD I . 30.88 4.59 -8.79
O3B NAD I . 31.02 4.77 -7.42
C2B NAD I . 31.94 3.65 -9.40
O2B NAD I . 33.04 3.46 -8.61
C1B NAD I . 31.06 2.40 -9.63
N9A NAD I . 31.67 1.47 -10.59
C8A NAD I . 32.10 1.73 -11.92
N7A NAD I . 32.61 0.64 -12.48
C5A NAD I . 32.51 -0.38 -11.50
C6A NAD I . 32.87 -1.79 -11.49
N6A NAD I . 33.45 -2.44 -12.57
N1A NAD I . 32.63 -2.54 -10.35
C2A NAD I . 32.05 -1.85 -9.29
N3A NAD I . 31.68 -0.56 -9.20
C4A NAD I . 31.93 0.16 -10.34
O3 NAD I . 26.68 7.54 -10.25
PN NAD I . 25.28 7.28 -9.64
O1N NAD I . 24.38 8.45 -9.58
O2N NAD I . 25.13 6.17 -8.66
O5D NAD I . 24.52 6.57 -11.09
C5D NAD I . 24.17 5.36 -10.97
C4D NAD I . 23.84 4.69 -12.35
O4D NAD I . 22.45 4.30 -12.72
C3D NAD I . 24.08 5.63 -13.55
O3D NAD I . 24.28 4.87 -14.72
C2D NAD I . 22.77 6.51 -13.60
O2D NAD I . 22.46 7.01 -14.86
C1D NAD I . 21.66 5.53 -13.25
N1N NAD I . 20.26 5.86 -12.81
C2N NAD I . 19.17 5.06 -13.23
C3N NAD I . 17.86 5.36 -12.94
C7N NAD I . 16.66 4.49 -13.30
O7N NAD I . 15.51 4.80 -13.05
N7N NAD I . 16.86 3.29 -13.94
C4N NAD I . 17.70 6.56 -12.25
C5N NAD I . 18.80 7.36 -11.90
C6N NAD I . 20.07 6.98 -12.23
H51A NAD I . 27.45 4.31 -9.18
H52A NAD I . 28.42 4.86 -10.47
H4B NAD I . 29.28 3.64 -7.86
H3B NAD I . 30.76 5.46 -9.48
HO3A NAD I . 31.65 4.09 -7.06
H2B NAD I . 32.18 3.72 -10.51
HO2A NAD I . 33.57 4.26 -8.67
H1B NAD I . 31.28 1.87 -8.64
H8A NAD I . 32.01 2.76 -12.42
H61A NAD I . 33.28 -3.40 -12.89
H62A NAD I . 34.12 -1.99 -13.20
H2A NAD I . 31.86 -2.48 -8.33
H51N NAD I . 23.29 5.26 -10.26
H52N NAD I . 24.97 4.75 -10.43
H4D NAD I . 24.66 3.92 -12.35
H3D NAD I . 24.96 6.19 -13.16
HO3N NAD I . 24.77 5.37 -15.39
H2D NAD I . 22.70 7.25 -12.73
HO2N NAD I . 22.76 7.89 -14.95
H1D NAD I . 21.22 5.97 -14.18
H2N NAD I . 19.44 4.15 -13.83
H71N NAD I . 16.14 2.62 -14.24
H72N NAD I . 17.76 2.92 -14.21
H4N NAD I . 16.68 6.90 -11.96
H5N NAD I . 18.68 8.33 -11.33
H6N NAD I . 20.99 7.60 -12.02
S SO4 J . 40.58 4.37 -4.74
O1 SO4 J . 42.00 4.31 -5.03
O2 SO4 J . 40.33 3.71 -3.47
O3 SO4 J . 40.13 5.76 -4.64
O4 SO4 J . 39.85 3.68 -5.80
S SO4 K . 38.76 -7.08 -0.70
O1 SO4 K . 40.03 -7.46 -1.29
O2 SO4 K . 38.73 -7.56 0.68
O3 SO4 K . 38.60 -5.63 -0.72
O4 SO4 K . 37.66 -7.70 -1.44
S SO4 L . -1.11 -0.31 -8.22
O1 SO4 L . 0.30 -0.68 -8.46
O2 SO4 L . -1.62 -1.11 -7.10
O3 SO4 L . -1.17 1.11 -7.86
O4 SO4 L . -1.92 -0.50 -9.44
S SO4 M . -8.49 3.06 -25.71
O1 SO4 M . -7.03 3.13 -25.79
O2 SO4 M . -8.88 1.84 -25.03
O3 SO4 M . -8.97 4.22 -24.96
O4 SO4 M . -9.06 3.08 -27.06
S SO4 N . -8.31 1.71 -31.21
O1 SO4 N . -6.94 1.20 -31.34
O2 SO4 N . -9.14 0.66 -30.62
O3 SO4 N . -8.32 2.88 -30.34
O4 SO4 N . -8.82 2.07 -32.52
S SO4 O . 16.08 -18.19 -21.28
O1 SO4 O . 17.41 -17.59 -21.28
O2 SO4 O . 16.19 -19.62 -21.00
O3 SO4 O . 15.23 -17.58 -20.26
O4 SO4 O . 15.46 -17.97 -22.58
#